data_6SJ3
#
_entry.id   6SJ3
#
_cell.length_a   99.294
_cell.length_b   117.339
_cell.length_c   83.038
_cell.angle_alpha   90.000
_cell.angle_beta   90.000
_cell.angle_gamma   90.000
#
_symmetry.space_group_name_H-M   'P 21 21 2'
#
loop_
_entity.id
_entity.type
_entity.pdbx_description
1 polymer Amidohydrolase
2 non-polymer '3-HYDROXYBENZOIC ACID'
3 non-polymer DI(HYDROXYETHYL)ETHER
4 non-polymer 1,2-ETHANEDIOL
5 non-polymer 'ZINC ION'
6 non-polymer GLYCEROL
7 non-polymer 'MAGNESIUM ION'
8 water water
#
_entity_poly.entity_id   1
_entity_poly.type   'polypeptide(L)'
_entity_poly.pdbx_seq_one_letter_code
;MSYYHHHHHHDYDIPTTENLYFQGAMGARLITGGTVYTADAQESVHARGAVLTVDDKVVAVGPAVEVEQAVQALDPAVRA
ELRRLDASRMMVLPGFVNAHWHEMFAMGFTMRGALRPPSDRADQVAFMGGGGDMHQISATFDRFDGLIEAMTEDEARAIA
EYSMWIQLRGGVTTLGDMGSLNRPLAMVEAARRLGMRFSASTWASDAVLAPDRSRFLRTRDADTVLASFEALLGAVAADP
TGRIRCRPNVSYVTNMTDELARGMAELVERHDLPFATHVGALRNEADAMRAYHGETGVRRLAEAGLVDERLMAGHSAFLD
DQEQKLMLAGRAHISHSPGKYGPSGESALTETGVVPALRRAGLDVSLSTDAAALPGAGIAETMRAAWQMYNEMSADQTEV
LPTDALAMATRIAAKGLRWDDAVGSLEPGKQADLLLVRTDDWRYLLNPRPLESFLWLAGSADVDTVIVGGRTLVEGGRGV
EVDEAALRDRYLQALRGFTTRALRVPAEAVDPVLAEVAR
;
_entity_poly.pdbx_strand_id   A,B
#
loop_
_chem_comp.id
_chem_comp.type
_chem_comp.name
_chem_comp.formula
3HB non-polymer '3-HYDROXYBENZOIC ACID' 'C7 H6 O3'
EDO non-polymer 1,2-ETHANEDIOL 'C2 H6 O2'
GOL non-polymer GLYCEROL 'C3 H8 O3'
MG non-polymer 'MAGNESIUM ION' 'Mg 2'
PEG non-polymer DI(HYDROXYETHYL)ETHER 'C4 H10 O3'
ZN non-polymer 'ZINC ION' 'Zn 2'
#
# COMPACT_ATOMS: atom_id res chain seq x y z
N MET A 26 9.06 -2.46 -35.54
CA MET A 26 8.54 -3.53 -34.65
C MET A 26 7.48 -4.39 -35.36
N GLY A 27 7.00 -4.01 -36.56
CA GLY A 27 5.93 -4.77 -37.24
C GLY A 27 4.66 -4.80 -36.40
N ALA A 28 3.79 -5.80 -36.60
CA ALA A 28 2.48 -5.84 -35.92
C ALA A 28 2.55 -6.74 -34.69
N ARG A 29 1.86 -6.34 -33.62
CA ARG A 29 1.70 -7.15 -32.40
C ARG A 29 0.24 -7.17 -32.00
N LEU A 30 -0.28 -8.36 -31.72
CA LEU A 30 -1.66 -8.54 -31.23
C LEU A 30 -1.58 -9.10 -29.82
N ILE A 31 -2.08 -8.34 -28.85
CA ILE A 31 -2.12 -8.75 -27.42
C ILE A 31 -3.59 -9.00 -27.09
N THR A 32 -3.99 -10.26 -26.93
CA THR A 32 -5.44 -10.58 -26.94
C THR A 32 -5.82 -11.51 -25.78
N GLY A 33 -7.05 -11.31 -25.27
CA GLY A 33 -7.69 -12.17 -24.25
C GLY A 33 -7.61 -11.62 -22.85
N GLY A 34 -6.78 -10.62 -22.57
CA GLY A 34 -6.68 -10.09 -21.19
C GLY A 34 -7.79 -9.11 -20.85
N THR A 35 -7.86 -8.62 -19.61
CA THR A 35 -8.65 -7.41 -19.30
C THR A 35 -7.81 -6.19 -19.65
N VAL A 36 -8.32 -5.38 -20.56
CA VAL A 36 -7.58 -4.20 -21.09
C VAL A 36 -8.16 -2.93 -20.48
N TYR A 37 -7.32 -2.19 -19.78
CA TYR A 37 -7.66 -0.85 -19.25
C TYR A 37 -7.05 0.18 -20.19
N THR A 38 -7.88 1.01 -20.79
CA THR A 38 -7.42 1.95 -21.84
C THR A 38 -6.98 3.29 -21.28
N ALA A 39 -7.59 3.73 -20.17
CA ALA A 39 -7.48 5.13 -19.69
C ALA A 39 -7.83 6.09 -20.84
N ASP A 40 -8.77 5.72 -21.71
CA ASP A 40 -9.29 6.68 -22.71
C ASP A 40 -10.24 7.65 -21.99
N ALA A 41 -10.84 8.57 -22.75
CA ALA A 41 -11.64 9.65 -22.13
C ALA A 41 -12.80 9.10 -21.32
N GLN A 42 -13.27 7.87 -21.62
CA GLN A 42 -14.39 7.23 -20.89
C GLN A 42 -13.85 6.19 -19.90
N GLU A 43 -12.55 6.14 -19.69
CA GLU A 43 -11.91 5.18 -18.76
C GLU A 43 -12.30 3.75 -19.17
N SER A 44 -12.36 3.48 -20.47
CA SER A 44 -12.93 2.21 -21.00
C SER A 44 -12.12 1.01 -20.50
N VAL A 45 -12.84 -0.03 -20.10
CA VAL A 45 -12.27 -1.35 -19.70
C VAL A 45 -12.87 -2.40 -20.62
N HIS A 46 -12.05 -3.28 -21.17
CA HIS A 46 -12.52 -4.37 -22.06
C HIS A 46 -12.12 -5.72 -21.46
N ALA A 47 -13.07 -6.43 -20.88
CA ALA A 47 -12.84 -7.82 -20.47
C ALA A 47 -12.63 -8.63 -21.75
N ARG A 48 -11.65 -9.52 -21.76
CA ARG A 48 -11.32 -10.36 -22.93
C ARG A 48 -11.10 -9.45 -24.13
N GLY A 49 -10.47 -8.31 -23.91
CA GLY A 49 -10.18 -7.33 -24.96
C GLY A 49 -8.86 -7.58 -25.64
N ALA A 50 -8.52 -6.71 -26.56
CA ALA A 50 -7.28 -6.86 -27.34
C ALA A 50 -6.73 -5.50 -27.71
N VAL A 51 -5.43 -5.52 -28.00
CA VAL A 51 -4.69 -4.35 -28.54
C VAL A 51 -3.91 -4.83 -29.74
N LEU A 52 -4.08 -4.15 -30.86
CA LEU A 52 -3.23 -4.34 -32.06
C LEU A 52 -2.35 -3.12 -32.21
N THR A 53 -1.03 -3.36 -32.32
CA THR A 53 -0.03 -2.30 -32.56
C THR A 53 0.63 -2.59 -33.91
N VAL A 54 1.02 -1.53 -34.60
CA VAL A 54 1.83 -1.63 -35.83
C VAL A 54 2.98 -0.65 -35.67
N ASP A 55 4.20 -1.15 -35.73
CA ASP A 55 5.43 -0.35 -35.49
C ASP A 55 5.26 0.32 -34.12
N ASP A 56 5.32 1.64 -34.04
CA ASP A 56 5.36 2.38 -32.76
C ASP A 56 3.97 2.69 -32.22
N LYS A 57 2.89 2.41 -32.95
CA LYS A 57 1.55 2.96 -32.62
C LYS A 57 0.51 1.87 -32.36
N VAL A 58 -0.42 2.22 -31.48
CA VAL A 58 -1.70 1.48 -31.33
C VAL A 58 -2.52 1.70 -32.60
N VAL A 59 -3.07 0.63 -33.17
CA VAL A 59 -3.96 0.75 -34.35
C VAL A 59 -5.40 0.39 -33.96
N ALA A 60 -5.62 -0.54 -33.02
CA ALA A 60 -6.98 -0.92 -32.63
C ALA A 60 -6.96 -1.41 -31.19
N VAL A 61 -8.02 -1.09 -30.46
CA VAL A 61 -8.15 -1.51 -29.04
C VAL A 61 -9.63 -1.66 -28.78
N GLY A 62 -10.03 -2.76 -28.18
CA GLY A 62 -11.42 -2.95 -27.81
C GLY A 62 -11.71 -4.42 -27.68
N PRO A 63 -12.98 -4.79 -27.88
CA PRO A 63 -13.35 -6.19 -27.90
C PRO A 63 -12.55 -6.93 -28.98
N ALA A 64 -12.24 -8.20 -28.71
CA ALA A 64 -11.51 -9.09 -29.62
C ALA A 64 -12.05 -9.00 -31.06
N VAL A 65 -13.38 -8.99 -31.30
CA VAL A 65 -13.96 -8.97 -32.67
C VAL A 65 -13.53 -7.71 -33.43
N GLU A 66 -13.63 -6.53 -32.81
CA GLU A 66 -13.23 -5.23 -33.42
C GLU A 66 -11.75 -5.33 -33.79
N VAL A 67 -10.93 -5.81 -32.87
CA VAL A 67 -9.47 -5.84 -33.10
C VAL A 67 -9.13 -6.86 -34.18
N GLU A 68 -9.83 -8.01 -34.22
CA GLU A 68 -9.55 -9.03 -35.27
C GLU A 68 -9.86 -8.41 -36.64
N GLN A 69 -10.85 -7.50 -36.75
CA GLN A 69 -11.15 -6.83 -38.04
C GLN A 69 -9.91 -6.02 -38.47
N ALA A 70 -9.25 -5.35 -37.53
CA ALA A 70 -8.03 -4.57 -37.79
C ALA A 70 -6.91 -5.53 -38.19
N VAL A 71 -6.81 -6.72 -37.60
CA VAL A 71 -5.77 -7.71 -38.00
C VAL A 71 -5.97 -8.04 -39.49
N GLN A 72 -7.22 -8.22 -39.91
CA GLN A 72 -7.53 -8.62 -41.31
C GLN A 72 -7.34 -7.42 -42.25
N ALA A 73 -7.21 -6.20 -41.73
CA ALA A 73 -6.93 -4.98 -42.51
C ALA A 73 -5.43 -4.71 -42.62
N LEU A 74 -4.56 -5.53 -42.01
CA LEU A 74 -3.09 -5.31 -42.10
C LEU A 74 -2.59 -5.59 -43.51
N ASP A 75 -1.46 -4.96 -43.88
CA ASP A 75 -0.62 -5.39 -45.03
C ASP A 75 -0.40 -6.89 -44.91
N PRO A 76 -0.57 -7.70 -45.99
CA PRO A 76 -0.45 -9.16 -45.89
C PRO A 76 0.90 -9.66 -45.35
N ALA A 77 2.00 -8.98 -45.71
CA ALA A 77 3.36 -9.29 -45.22
C ALA A 77 3.45 -8.98 -43.73
N VAL A 78 2.84 -7.88 -43.28
CA VAL A 78 2.81 -7.49 -41.84
C VAL A 78 1.99 -8.53 -41.07
N ARG A 79 0.86 -8.99 -41.60
CA ARG A 79 0.01 -10.00 -40.93
C ARG A 79 0.75 -11.35 -40.87
N ALA A 80 1.46 -11.74 -41.93
CA ALA A 80 2.24 -13.00 -41.96
C ALA A 80 3.26 -13.02 -40.82
N GLU A 81 3.77 -11.85 -40.40
CA GLU A 81 4.85 -11.75 -39.38
C GLU A 81 4.27 -11.26 -38.03
N LEU A 82 2.94 -11.20 -37.90
CA LEU A 82 2.24 -10.73 -36.68
C LEU A 82 2.76 -11.52 -35.47
N ARG A 83 3.15 -10.80 -34.42
CA ARG A 83 3.53 -11.40 -33.11
C ARG A 83 2.28 -11.44 -32.22
N ARG A 84 1.74 -12.63 -32.01
CA ARG A 84 0.49 -12.87 -31.25
C ARG A 84 0.88 -13.22 -29.82
N LEU A 85 0.36 -12.48 -28.86
CA LEU A 85 0.62 -12.69 -27.42
C LEU A 85 -0.73 -13.00 -26.77
N ASP A 86 -0.92 -14.21 -26.29
CA ASP A 86 -2.14 -14.61 -25.55
C ASP A 86 -2.01 -14.06 -24.13
N ALA A 87 -2.73 -12.98 -23.85
CA ALA A 87 -2.69 -12.28 -22.55
C ALA A 87 -3.91 -12.68 -21.71
N SER A 88 -4.50 -13.85 -21.95
N SER A 88 -4.50 -13.85 -21.97
CA SER A 88 -5.75 -14.23 -21.24
CA SER A 88 -5.73 -14.30 -21.25
C SER A 88 -5.49 -14.41 -19.74
C SER A 88 -5.49 -14.36 -19.75
N ARG A 89 -4.24 -14.63 -19.31
CA ARG A 89 -3.90 -14.73 -17.86
C ARG A 89 -3.24 -13.46 -17.37
N MET A 90 -3.54 -12.34 -18.00
CA MET A 90 -2.91 -11.04 -17.72
C MET A 90 -3.96 -9.91 -17.75
N MET A 91 -3.52 -8.79 -17.23
CA MET A 91 -4.15 -7.46 -17.32
C MET A 91 -3.24 -6.57 -18.16
N VAL A 92 -3.84 -5.78 -19.04
CA VAL A 92 -3.13 -4.82 -19.91
C VAL A 92 -3.44 -3.41 -19.44
N LEU A 93 -2.41 -2.63 -19.18
CA LEU A 93 -2.52 -1.22 -18.77
C LEU A 93 -1.78 -0.34 -19.77
N PRO A 94 -2.09 0.97 -19.85
CA PRO A 94 -1.20 1.91 -20.50
C PRO A 94 0.07 2.02 -19.67
N GLY A 95 1.18 2.33 -20.34
CA GLY A 95 2.42 2.64 -19.62
C GLY A 95 2.20 3.79 -18.64
N PHE A 96 2.79 3.70 -17.48
CA PHE A 96 2.68 4.77 -16.47
C PHE A 96 3.48 6.00 -16.91
N VAL A 97 2.92 7.15 -16.63
CA VAL A 97 3.52 8.47 -16.90
C VAL A 97 3.77 9.10 -15.54
N ASN A 98 5.03 9.09 -15.10
CA ASN A 98 5.45 9.60 -13.79
C ASN A 98 6.05 10.99 -14.03
N ALA A 99 5.22 12.02 -13.96
CA ALA A 99 5.57 13.36 -14.47
C ALA A 99 6.25 14.22 -13.41
N HIS A 100 6.32 13.76 -12.18
CA HIS A 100 6.96 14.50 -11.07
C HIS A 100 7.89 13.54 -10.35
N TRP A 101 9.13 13.57 -10.79
CA TRP A 101 10.19 12.66 -10.33
C TRP A 101 11.48 13.47 -10.21
N HIS A 102 12.35 12.98 -9.37
CA HIS A 102 13.69 13.57 -9.19
C HIS A 102 14.70 12.43 -9.17
N GLU A 103 15.79 12.57 -9.90
CA GLU A 103 16.94 11.65 -9.81
C GLU A 103 17.78 12.07 -8.60
N MET A 104 17.79 11.28 -7.54
CA MET A 104 18.50 11.60 -6.27
C MET A 104 19.35 10.41 -5.81
N PHE A 105 19.54 9.38 -6.62
CA PHE A 105 20.26 8.17 -6.17
C PHE A 105 21.73 8.44 -5.86
N ALA A 106 22.29 9.57 -6.29
CA ALA A 106 23.67 9.92 -5.91
C ALA A 106 23.77 10.18 -4.41
N MET A 107 22.64 10.44 -3.74
CA MET A 107 22.61 10.78 -2.29
C MET A 107 22.25 9.55 -1.46
N GLY A 108 22.37 8.34 -2.01
CA GLY A 108 21.98 7.11 -1.33
C GLY A 108 22.68 6.90 0.00
N PHE A 109 23.92 7.38 0.18
CA PHE A 109 24.66 7.15 1.45
C PHE A 109 24.25 8.13 2.55
N THR A 110 23.65 9.27 2.24
CA THR A 110 23.49 10.39 3.21
C THR A 110 22.02 10.83 3.38
N MET A 111 21.17 10.64 2.37
CA MET A 111 19.78 11.15 2.36
C MET A 111 18.83 10.02 2.80
N ARG A 112 18.42 10.01 4.07
CA ARG A 112 17.56 8.96 4.67
C ARG A 112 18.09 7.62 4.17
N GLY A 113 19.40 7.39 4.24
CA GLY A 113 20.01 6.41 3.32
C GLY A 113 20.77 5.28 4.00
N ALA A 114 21.85 4.86 3.35
CA ALA A 114 22.56 3.59 3.59
C ALA A 114 23.33 3.60 4.91
N LEU A 115 23.59 4.76 5.50
CA LEU A 115 24.45 4.87 6.71
C LEU A 115 23.61 4.96 7.97
N ARG A 116 22.29 4.92 7.86
CA ARG A 116 21.42 4.94 9.07
C ARG A 116 21.63 3.66 9.85
N PRO A 117 21.44 3.70 11.18
CA PRO A 117 21.38 2.48 11.97
C PRO A 117 20.18 1.65 11.57
N PRO A 118 20.24 0.31 11.67
CA PRO A 118 19.07 -0.52 11.37
C PRO A 118 17.85 -0.19 12.24
N SER A 119 18.07 0.13 13.51
CA SER A 119 16.96 0.58 14.40
C SER A 119 16.51 1.97 13.95
N ASP A 120 15.20 2.18 13.90
CA ASP A 120 14.59 3.48 13.53
C ASP A 120 14.21 4.26 14.80
N ARG A 121 14.53 3.76 15.99
CA ARG A 121 13.89 4.29 17.22
C ARG A 121 14.33 5.73 17.50
N ALA A 122 15.52 6.15 17.06
CA ALA A 122 16.06 7.50 17.35
C ALA A 122 15.74 8.47 16.22
N ASP A 123 14.91 8.10 15.25
CA ASP A 123 14.59 9.02 14.13
C ASP A 123 13.94 10.29 14.68
N GLN A 124 14.26 11.41 14.05
CA GLN A 124 13.74 12.75 14.43
C GLN A 124 12.91 13.32 13.30
N VAL A 125 12.01 14.23 13.65
CA VAL A 125 11.33 15.08 12.64
C VAL A 125 12.38 16.05 12.07
N ALA A 126 12.55 16.03 10.77
CA ALA A 126 13.56 16.86 10.08
C ALA A 126 13.12 17.14 8.65
N PHE A 127 13.85 18.03 8.00
CA PHE A 127 13.72 18.37 6.57
C PHE A 127 12.29 18.83 6.28
N MET A 128 11.50 18.05 5.52
CA MET A 128 10.14 18.48 5.12
C MET A 128 9.15 18.22 6.27
N GLY A 129 9.54 17.55 7.34
CA GLY A 129 8.63 17.18 8.42
C GLY A 129 8.27 18.33 9.34
N GLY A 130 7.21 18.17 10.12
CA GLY A 130 6.85 19.12 11.18
C GLY A 130 6.49 20.49 10.64
N GLY A 131 5.98 20.55 9.41
CA GLY A 131 5.62 21.81 8.73
C GLY A 131 6.70 22.29 7.79
N GLY A 132 7.92 21.77 7.92
CA GLY A 132 9.03 22.08 7.02
C GLY A 132 10.04 23.01 7.65
N ASP A 133 11.30 22.63 7.62
CA ASP A 133 12.44 23.50 8.01
C ASP A 133 12.78 24.35 6.79
N MET A 134 12.14 25.50 6.66
CA MET A 134 12.20 26.26 5.38
C MET A 134 13.63 26.72 5.08
N HIS A 135 14.40 27.12 6.09
CA HIS A 135 15.79 27.57 5.86
C HIS A 135 16.63 26.39 5.36
N GLN A 136 16.50 25.22 5.99
CA GLN A 136 17.32 24.04 5.61
C GLN A 136 16.93 23.64 4.18
N ILE A 137 15.65 23.59 3.87
CA ILE A 137 15.16 23.17 2.53
C ILE A 137 15.72 24.14 1.49
N SER A 138 15.60 25.44 1.73
CA SER A 138 16.06 26.45 0.76
C SER A 138 17.58 26.33 0.53
N ALA A 139 18.33 26.22 1.62
CA ALA A 139 19.81 26.12 1.55
C ALA A 139 20.19 24.85 0.79
N THR A 140 19.53 23.73 1.09
CA THR A 140 19.84 22.42 0.47
C THR A 140 19.60 22.53 -1.03
N PHE A 141 18.45 23.08 -1.44
CA PHE A 141 18.13 23.19 -2.89
C PHE A 141 19.15 24.10 -3.58
N ASP A 142 19.62 25.14 -2.91
CA ASP A 142 20.54 26.07 -3.58
C ASP A 142 21.94 25.43 -3.74
N ARG A 143 22.22 24.32 -3.06
CA ARG A 143 23.53 23.62 -3.13
C ARG A 143 23.53 22.59 -4.27
N PHE A 144 22.42 22.36 -4.98
CA PHE A 144 22.38 21.27 -5.99
C PHE A 144 23.39 21.54 -7.11
N ASP A 145 23.43 22.76 -7.62
CA ASP A 145 24.32 23.08 -8.76
C ASP A 145 25.76 22.65 -8.44
N GLY A 146 26.25 22.97 -7.24
CA GLY A 146 27.64 22.66 -6.85
C GLY A 146 27.89 21.16 -6.86
N LEU A 147 26.93 20.39 -6.36
CA LEU A 147 27.11 18.92 -6.27
C LEU A 147 27.02 18.28 -7.65
N ILE A 148 26.13 18.79 -8.51
CA ILE A 148 25.99 18.30 -9.90
C ILE A 148 27.32 18.53 -10.63
N GLU A 149 27.93 19.71 -10.43
CA GLU A 149 29.21 20.08 -11.07
C GLU A 149 30.31 19.13 -10.58
N ALA A 150 30.26 18.71 -9.31
CA ALA A 150 31.27 17.85 -8.66
C ALA A 150 31.15 16.40 -9.17
N MET A 151 30.00 16.02 -9.70
CA MET A 151 29.75 14.64 -10.20
C MET A 151 30.41 14.47 -11.56
N THR A 152 31.14 13.37 -11.80
CA THR A 152 31.76 13.14 -13.12
C THR A 152 30.68 12.74 -14.13
N GLU A 153 30.97 12.90 -15.41
CA GLU A 153 30.01 12.51 -16.48
C GLU A 153 29.79 11.00 -16.39
N ASP A 154 30.82 10.20 -16.13
CA ASP A 154 30.68 8.72 -16.00
C ASP A 154 29.82 8.38 -14.78
N GLU A 155 30.04 9.04 -13.65
CA GLU A 155 29.23 8.77 -12.42
C GLU A 155 27.77 9.13 -12.74
N ALA A 156 27.53 10.27 -13.37
CA ALA A 156 26.17 10.75 -13.67
C ALA A 156 25.45 9.70 -14.53
N ARG A 157 26.09 9.23 -15.59
CA ARG A 157 25.45 8.28 -16.53
C ARG A 157 25.12 6.96 -15.81
N ALA A 158 26.03 6.45 -14.97
CA ALA A 158 25.82 5.16 -14.28
C ALA A 158 24.68 5.29 -13.27
N ILE A 159 24.68 6.37 -12.51
CA ILE A 159 23.65 6.55 -11.45
C ILE A 159 22.30 6.79 -12.15
N ALA A 160 22.27 7.61 -13.19
CA ALA A 160 21.01 7.92 -13.91
C ALA A 160 20.44 6.64 -14.51
N GLU A 161 21.26 5.82 -15.14
CA GLU A 161 20.73 4.67 -15.89
C GLU A 161 20.10 3.68 -14.89
N TYR A 162 20.74 3.47 -13.74
CA TYR A 162 20.17 2.54 -12.75
C TYR A 162 18.88 3.12 -12.14
N SER A 163 18.92 4.38 -11.74
CA SER A 163 17.77 5.10 -11.13
C SER A 163 16.57 5.05 -12.09
N MET A 164 16.80 5.33 -13.36
CA MET A 164 15.72 5.39 -14.37
C MET A 164 15.27 3.98 -14.75
N TRP A 165 16.18 3.00 -14.74
CA TRP A 165 15.81 1.58 -14.89
C TRP A 165 14.76 1.21 -13.82
N ILE A 166 15.01 1.60 -12.57
CA ILE A 166 14.06 1.22 -11.49
C ILE A 166 12.67 1.78 -11.81
N GLN A 167 12.59 2.98 -12.36
CA GLN A 167 11.28 3.53 -12.77
C GLN A 167 10.68 2.65 -13.88
N LEU A 168 11.46 2.35 -14.89
CA LEU A 168 10.99 1.55 -16.04
C LEU A 168 10.51 0.16 -15.57
N ARG A 169 11.27 -0.47 -14.68
CA ARG A 169 10.97 -1.82 -14.12
C ARG A 169 9.56 -1.81 -13.50
N GLY A 170 9.19 -0.69 -12.90
CA GLY A 170 7.89 -0.52 -12.24
C GLY A 170 6.81 -0.04 -13.19
N GLY A 171 7.05 -0.04 -14.50
CA GLY A 171 6.01 0.27 -15.50
C GLY A 171 6.01 1.72 -15.93
N VAL A 172 6.99 2.53 -15.52
CA VAL A 172 7.05 3.93 -16.01
C VAL A 172 7.67 3.94 -17.39
N THR A 173 6.85 4.27 -18.38
CA THR A 173 7.29 4.37 -19.79
C THR A 173 7.60 5.82 -20.17
N THR A 174 7.02 6.79 -19.46
CA THR A 174 7.31 8.22 -19.66
C THR A 174 7.64 8.83 -18.30
N LEU A 175 8.83 9.39 -18.17
CA LEU A 175 9.33 9.94 -16.90
C LEU A 175 9.60 11.43 -17.05
N GLY A 176 9.15 12.22 -16.08
CA GLY A 176 9.35 13.67 -16.08
C GLY A 176 10.26 14.12 -14.96
N ASP A 177 11.36 14.77 -15.34
CA ASP A 177 12.32 15.38 -14.40
C ASP A 177 11.75 16.71 -13.91
N MET A 178 11.51 16.83 -12.60
CA MET A 178 11.13 18.12 -11.99
C MET A 178 12.25 18.65 -11.08
N GLY A 179 13.48 18.25 -11.38
CA GLY A 179 14.68 18.86 -10.77
C GLY A 179 15.50 17.80 -10.08
N SER A 180 16.64 17.46 -10.67
CA SER A 180 17.42 16.27 -10.27
C SER A 180 18.81 16.67 -9.79
N LEU A 181 19.36 15.89 -8.87
CA LEU A 181 20.79 15.97 -8.52
C LEU A 181 21.55 15.03 -9.45
N ASN A 182 21.57 15.40 -10.72
CA ASN A 182 22.29 14.64 -11.77
C ASN A 182 22.48 15.60 -12.96
N ARG A 183 23.30 15.21 -13.91
CA ARG A 183 23.59 16.02 -15.11
C ARG A 183 22.50 15.78 -16.14
N PRO A 184 21.80 16.83 -16.63
CA PRO A 184 20.72 16.63 -17.59
C PRO A 184 21.11 15.76 -18.79
N LEU A 185 22.26 15.97 -19.40
CA LEU A 185 22.62 15.19 -20.62
C LEU A 185 22.90 13.74 -20.26
N ALA A 186 23.31 13.46 -19.02
CA ALA A 186 23.53 12.08 -18.54
C ALA A 186 22.18 11.37 -18.44
N MET A 187 21.17 12.07 -17.95
CA MET A 187 19.82 11.49 -17.82
C MET A 187 19.22 11.29 -19.22
N VAL A 188 19.45 12.22 -20.14
CA VAL A 188 18.96 12.05 -21.53
C VAL A 188 19.62 10.80 -22.13
N GLU A 189 20.92 10.66 -21.94
N GLU A 189 20.93 10.66 -21.95
CA GLU A 189 21.65 9.49 -22.50
CA GLU A 189 21.67 9.50 -22.48
C GLU A 189 21.11 8.20 -21.87
C GLU A 189 21.10 8.21 -21.87
N ALA A 190 20.82 8.21 -20.56
CA ALA A 190 20.28 7.02 -19.87
C ALA A 190 18.94 6.67 -20.51
N ALA A 191 18.05 7.65 -20.72
CA ALA A 191 16.74 7.40 -21.32
C ALA A 191 16.91 6.81 -22.73
N ARG A 192 17.81 7.39 -23.52
CA ARG A 192 18.06 6.88 -24.88
C ARG A 192 18.47 5.40 -24.80
N ARG A 193 19.40 5.07 -23.90
CA ARG A 193 19.94 3.69 -23.76
C ARG A 193 18.82 2.74 -23.30
N LEU A 194 17.98 3.19 -22.38
CA LEU A 194 16.97 2.30 -21.75
C LEU A 194 15.79 2.05 -22.69
N GLY A 195 15.47 2.99 -23.59
CA GLY A 195 14.35 2.86 -24.53
C GLY A 195 13.06 3.49 -24.03
N MET A 196 13.12 4.16 -22.89
CA MET A 196 11.94 4.82 -22.28
C MET A 196 11.83 6.27 -22.77
N ARG A 197 10.72 6.91 -22.44
CA ARG A 197 10.50 8.33 -22.75
C ARG A 197 10.86 9.17 -21.55
N PHE A 198 11.37 10.37 -21.81
CA PHE A 198 11.93 11.24 -20.77
C PHE A 198 11.69 12.69 -21.15
N SER A 199 11.10 13.43 -20.21
CA SER A 199 11.04 14.90 -20.25
C SER A 199 12.14 15.46 -19.37
N ALA A 200 13.22 15.91 -19.99
CA ALA A 200 14.44 16.35 -19.29
C ALA A 200 14.28 17.79 -18.77
N SER A 201 15.00 18.11 -17.72
CA SER A 201 15.03 19.49 -17.20
C SER A 201 16.43 19.84 -16.73
N THR A 202 16.56 21.06 -16.24
CA THR A 202 17.80 21.58 -15.64
C THR A 202 17.46 22.11 -14.25
N TRP A 203 18.46 22.18 -13.39
CA TRP A 203 18.30 22.68 -12.02
C TRP A 203 18.16 24.20 -12.05
N ALA A 204 17.17 24.75 -11.36
CA ALA A 204 16.91 26.20 -11.33
C ALA A 204 16.65 26.65 -9.89
N SER A 205 17.64 27.32 -9.30
CA SER A 205 17.57 27.96 -7.97
C SER A 205 18.33 29.27 -8.04
N ASP A 206 17.69 30.41 -7.87
CA ASP A 206 18.43 31.69 -7.93
C ASP A 206 18.23 32.51 -6.67
N ALA A 207 17.64 31.95 -5.62
CA ALA A 207 17.45 32.67 -4.35
C ALA A 207 17.57 31.67 -3.21
N VAL A 208 17.98 32.16 -2.05
CA VAL A 208 18.01 31.37 -0.80
C VAL A 208 17.39 32.19 0.33
N LEU A 209 16.70 31.51 1.24
CA LEU A 209 16.11 32.07 2.47
C LEU A 209 17.07 31.70 3.61
N ALA A 210 17.83 32.67 4.09
CA ALA A 210 18.88 32.47 5.11
C ALA A 210 18.37 32.98 6.46
N PRO A 211 18.65 32.27 7.58
CA PRO A 211 18.14 32.67 8.88
C PRO A 211 18.57 34.07 9.35
N ASP A 212 19.70 34.59 8.84
CA ASP A 212 20.29 35.86 9.30
C ASP A 212 19.85 37.02 8.39
N ARG A 213 18.74 36.86 7.66
CA ARG A 213 18.24 37.85 6.68
C ARG A 213 16.71 37.98 6.81
N SER A 214 16.19 39.16 6.46
CA SER A 214 14.75 39.51 6.43
C SER A 214 14.20 39.49 5.01
N ARG A 215 15.05 39.23 4.00
CA ARG A 215 14.66 39.20 2.57
C ARG A 215 15.44 38.09 1.87
N PHE A 216 14.92 37.58 0.76
CA PHE A 216 15.63 36.54 -0.02
C PHE A 216 16.99 37.09 -0.42
N LEU A 217 17.95 36.18 -0.55
CA LEU A 217 19.30 36.45 -1.06
C LEU A 217 19.39 35.91 -2.48
N ARG A 218 19.72 36.76 -3.46
CA ARG A 218 19.92 36.30 -4.85
C ARG A 218 21.25 35.55 -4.94
N THR A 219 21.24 34.32 -5.44
CA THR A 219 22.43 33.43 -5.47
C THR A 219 22.99 33.29 -6.88
N ARG A 220 22.19 33.53 -7.92
CA ARG A 220 22.55 33.40 -9.35
C ARG A 220 21.69 34.36 -10.13
N ASP A 221 22.08 34.61 -11.37
CA ASP A 221 21.30 35.53 -12.23
C ASP A 221 20.32 34.72 -13.06
N ALA A 222 19.08 35.17 -13.06
CA ALA A 222 17.96 34.49 -13.74
C ALA A 222 18.35 34.20 -15.20
N ASP A 223 18.97 35.12 -15.92
CA ASP A 223 19.21 34.92 -17.38
C ASP A 223 20.19 33.76 -17.58
N THR A 224 21.12 33.55 -16.64
CA THR A 224 22.10 32.45 -16.72
C THR A 224 21.39 31.12 -16.44
N VAL A 225 20.51 31.10 -15.45
CA VAL A 225 19.71 29.89 -15.12
C VAL A 225 18.87 29.52 -16.34
N LEU A 226 18.23 30.50 -16.98
CA LEU A 226 17.40 30.26 -18.17
C LEU A 226 18.28 29.78 -19.33
N ALA A 227 19.47 30.34 -19.49
CA ALA A 227 20.39 29.93 -20.57
C ALA A 227 20.77 28.45 -20.40
N SER A 228 20.91 27.97 -19.17
CA SER A 228 21.20 26.54 -18.91
C SER A 228 20.07 25.69 -19.49
N PHE A 229 18.83 26.08 -19.25
CA PHE A 229 17.70 25.32 -19.81
C PHE A 229 17.70 25.42 -21.33
N GLU A 230 17.94 26.62 -21.88
CA GLU A 230 17.92 26.80 -23.35
C GLU A 230 19.01 25.92 -23.98
N ALA A 231 20.13 25.71 -23.32
CA ALA A 231 21.23 24.85 -23.83
C ALA A 231 20.73 23.39 -23.89
N LEU A 232 20.01 22.93 -22.87
CA LEU A 232 19.44 21.56 -22.89
C LEU A 232 18.43 21.45 -24.04
N LEU A 233 17.55 22.44 -24.17
CA LEU A 233 16.51 22.46 -25.24
C LEU A 233 17.21 22.32 -26.60
N GLY A 234 18.29 23.06 -26.81
CA GLY A 234 19.08 22.98 -28.06
C GLY A 234 19.64 21.60 -28.30
N ALA A 235 20.11 20.94 -27.24
CA ALA A 235 20.79 19.62 -27.29
C ALA A 235 19.79 18.54 -27.69
N VAL A 236 18.52 18.65 -27.28
CA VAL A 236 17.53 17.57 -27.55
C VAL A 236 16.53 17.96 -28.65
N ALA A 237 16.58 19.19 -29.17
CA ALA A 237 15.73 19.65 -30.29
C ALA A 237 15.82 18.65 -31.46
N ALA A 238 17.02 18.15 -31.76
CA ALA A 238 17.32 17.34 -32.97
C ALA A 238 16.90 15.89 -32.76
N ASP A 239 16.69 15.48 -31.50
CA ASP A 239 16.49 14.04 -31.15
C ASP A 239 15.45 13.43 -32.09
N PRO A 240 15.80 12.34 -32.80
CA PRO A 240 14.91 11.75 -33.80
C PRO A 240 14.04 10.58 -33.33
N THR A 241 14.12 10.21 -32.06
CA THR A 241 13.50 8.98 -31.50
C THR A 241 12.02 9.22 -31.15
N GLY A 242 11.60 10.47 -30.92
CA GLY A 242 10.26 10.77 -30.36
C GLY A 242 10.18 10.46 -28.87
N ARG A 243 11.29 10.09 -28.24
CA ARG A 243 11.28 9.66 -26.84
C ARG A 243 11.86 10.70 -25.89
N ILE A 244 12.41 11.79 -26.40
CA ILE A 244 13.06 12.81 -25.53
C ILE A 244 12.40 14.16 -25.76
N ARG A 245 11.89 14.74 -24.68
CA ARG A 245 11.39 16.13 -24.67
C ARG A 245 12.05 16.84 -23.51
N CYS A 246 11.70 18.10 -23.30
N CYS A 246 11.74 18.13 -23.33
CA CYS A 246 12.20 18.83 -22.12
CA CYS A 246 12.26 18.95 -22.22
C CYS A 246 11.13 19.79 -21.62
C CYS A 246 11.12 19.78 -21.63
N ARG A 247 11.27 20.15 -20.37
CA ARG A 247 10.34 21.03 -19.67
C ARG A 247 11.14 21.78 -18.62
N PRO A 248 11.12 23.12 -18.64
CA PRO A 248 11.82 23.87 -17.60
C PRO A 248 11.05 23.76 -16.28
N ASN A 249 11.81 23.75 -15.21
CA ASN A 249 11.24 23.79 -13.85
C ASN A 249 11.92 24.89 -13.04
N VAL A 250 11.21 25.34 -12.01
CA VAL A 250 11.85 26.06 -10.88
C VAL A 250 11.87 25.09 -9.71
N SER A 251 13.02 24.92 -9.07
CA SER A 251 13.21 23.98 -7.94
C SER A 251 12.03 24.08 -6.96
N TYR A 252 11.83 25.28 -6.44
CA TYR A 252 10.83 25.55 -5.37
C TYR A 252 10.63 27.05 -5.35
N VAL A 253 9.42 27.51 -5.13
CA VAL A 253 9.13 28.97 -5.18
C VAL A 253 9.93 29.75 -4.14
N THR A 254 10.39 29.14 -3.04
CA THR A 254 11.27 29.84 -2.07
C THR A 254 12.55 30.32 -2.76
N ASN A 255 13.03 29.57 -3.75
CA ASN A 255 14.36 29.74 -4.37
C ASN A 255 14.20 30.37 -5.75
N MET A 256 13.18 31.20 -5.91
CA MET A 256 12.77 31.75 -7.22
C MET A 256 12.60 33.25 -7.13
N THR A 257 13.41 34.01 -7.86
CA THR A 257 13.20 35.47 -7.95
C THR A 257 12.05 35.76 -8.92
N ASP A 258 11.50 36.98 -8.86
CA ASP A 258 10.48 37.42 -9.82
C ASP A 258 11.08 37.40 -11.23
N GLU A 259 12.37 37.70 -11.35
CA GLU A 259 13.06 37.74 -12.67
C GLU A 259 13.11 36.33 -13.25
N LEU A 260 13.42 35.32 -12.42
CA LEU A 260 13.41 33.92 -12.89
C LEU A 260 11.99 33.55 -13.32
N ALA A 261 10.99 33.89 -12.52
CA ALA A 261 9.59 33.53 -12.82
C ALA A 261 9.16 34.13 -14.16
N ARG A 262 9.40 35.44 -14.35
CA ARG A 262 8.97 36.12 -15.60
C ARG A 262 9.76 35.55 -16.78
N GLY A 263 11.04 35.26 -16.59
CA GLY A 263 11.88 34.67 -17.65
C GLY A 263 11.39 33.29 -18.03
N MET A 264 10.94 32.50 -17.06
CA MET A 264 10.36 31.17 -17.36
C MET A 264 9.08 31.33 -18.19
N ALA A 265 8.23 32.29 -17.83
CA ALA A 265 6.95 32.51 -18.56
C ALA A 265 7.28 32.86 -20.02
N GLU A 266 8.26 33.73 -20.23
CA GLU A 266 8.64 34.17 -21.59
C GLU A 266 9.15 32.97 -22.38
N LEU A 267 9.98 32.13 -21.75
CA LEU A 267 10.65 30.98 -22.40
C LEU A 267 9.58 29.96 -22.82
N VAL A 268 8.63 29.64 -21.95
CA VAL A 268 7.66 28.56 -22.27
C VAL A 268 6.65 29.08 -23.31
N GLU A 269 6.35 30.37 -23.35
CA GLU A 269 5.51 30.95 -24.42
C GLU A 269 6.26 30.87 -25.75
N ARG A 270 7.53 31.28 -25.77
CA ARG A 270 8.33 31.36 -27.02
C ARG A 270 8.49 29.97 -27.63
N HIS A 271 8.79 28.96 -26.81
CA HIS A 271 9.10 27.58 -27.26
C HIS A 271 7.88 26.65 -27.23
N ASP A 272 6.75 27.14 -26.73
CA ASP A 272 5.48 26.37 -26.60
C ASP A 272 5.75 25.11 -25.77
N LEU A 273 6.18 25.32 -24.54
CA LEU A 273 6.57 24.22 -23.62
C LEU A 273 5.63 24.18 -22.43
N PRO A 274 5.60 23.03 -21.73
CA PRO A 274 5.04 22.99 -20.38
C PRO A 274 6.02 23.64 -19.39
N PHE A 275 5.56 23.81 -18.15
CA PHE A 275 6.35 24.41 -17.06
C PHE A 275 6.04 23.66 -15.78
N ALA A 276 7.02 23.47 -14.91
CA ALA A 276 6.76 22.78 -13.63
C ALA A 276 7.45 23.50 -12.47
N THR A 277 6.83 23.45 -11.31
CA THR A 277 7.51 23.87 -10.06
C THR A 277 6.84 23.17 -8.88
N HIS A 278 7.40 23.40 -7.72
CA HIS A 278 6.84 22.97 -6.43
C HIS A 278 6.31 24.20 -5.71
N VAL A 279 5.09 24.14 -5.21
CA VAL A 279 4.43 25.30 -4.58
C VAL A 279 3.34 24.81 -3.65
N GLY A 280 3.09 25.53 -2.56
CA GLY A 280 2.09 25.16 -1.57
C GLY A 280 2.37 23.77 -1.01
N ALA A 281 3.63 23.45 -0.81
CA ALA A 281 4.03 22.07 -0.45
C ALA A 281 3.99 21.83 1.06
N LEU A 282 4.15 22.87 1.87
CA LEU A 282 4.45 22.72 3.31
C LEU A 282 3.63 23.73 4.12
N ARG A 283 3.29 23.35 5.34
CA ARG A 283 2.59 24.26 6.27
C ARG A 283 3.39 25.57 6.44
N ASN A 284 4.71 25.46 6.62
CA ASN A 284 5.53 26.64 6.97
C ASN A 284 5.88 27.48 5.74
N GLU A 285 5.48 27.07 4.54
CA GLU A 285 5.87 27.78 3.30
C GLU A 285 5.30 29.20 3.24
N ALA A 286 4.00 29.35 3.47
CA ALA A 286 3.33 30.65 3.24
C ALA A 286 3.99 31.73 4.10
N ASP A 287 4.26 31.46 5.38
CA ASP A 287 4.84 32.48 6.29
C ASP A 287 6.25 32.83 5.80
N ALA A 288 7.04 31.85 5.38
CA ALA A 288 8.42 32.08 4.90
C ALA A 288 8.35 32.89 3.59
N MET A 289 7.40 32.59 2.72
CA MET A 289 7.26 33.30 1.44
C MET A 289 6.89 34.76 1.70
N ARG A 290 5.94 35.01 2.62
N ARG A 290 5.95 35.01 2.63
CA ARG A 290 5.55 36.40 2.97
CA ARG A 290 5.55 36.40 2.97
C ARG A 290 6.75 37.13 3.58
C ARG A 290 6.75 37.13 3.58
N ALA A 291 7.52 36.48 4.46
CA ALA A 291 8.66 37.12 5.18
C ALA A 291 9.77 37.48 4.18
N TYR A 292 10.08 36.61 3.23
CA TYR A 292 11.30 36.75 2.39
C TYR A 292 10.99 37.32 0.99
N HIS A 293 9.78 37.12 0.48
CA HIS A 293 9.40 37.52 -0.90
C HIS A 293 8.21 38.48 -0.89
N GLY A 294 7.50 38.63 0.24
CA GLY A 294 6.37 39.56 0.35
C GLY A 294 5.06 39.00 -0.19
N GLU A 295 5.03 37.74 -0.61
CA GLU A 295 3.84 37.16 -1.25
C GLU A 295 3.98 35.64 -1.25
N THR A 296 2.87 34.93 -1.22
CA THR A 296 2.85 33.45 -1.23
C THR A 296 3.08 32.92 -2.64
N GLY A 297 3.34 31.62 -2.73
CA GLY A 297 3.85 31.01 -3.97
C GLY A 297 2.90 31.11 -5.16
N VAL A 298 1.65 30.66 -5.04
CA VAL A 298 0.77 30.66 -6.25
C VAL A 298 0.55 32.12 -6.69
N ARG A 299 0.39 33.05 -5.76
CA ARG A 299 0.21 34.47 -6.17
C ARG A 299 1.47 34.97 -6.89
N ARG A 300 2.67 34.61 -6.44
CA ARG A 300 3.91 35.04 -7.13
C ARG A 300 3.95 34.42 -8.52
N LEU A 301 3.60 33.14 -8.66
CA LEU A 301 3.58 32.49 -9.99
C LEU A 301 2.55 33.20 -10.87
N ALA A 302 1.38 33.54 -10.31
CA ALA A 302 0.29 34.16 -11.09
C ALA A 302 0.75 35.52 -11.62
N GLU A 303 1.42 36.30 -10.78
CA GLU A 303 1.93 37.65 -11.17
C GLU A 303 2.87 37.53 -12.37
N ALA A 304 3.66 36.46 -12.42
CA ALA A 304 4.66 36.20 -13.47
C ALA A 304 4.01 35.67 -14.75
N GLY A 305 2.73 35.29 -14.71
CA GLY A 305 2.02 34.70 -15.87
C GLY A 305 2.19 33.18 -15.93
N LEU A 306 2.54 32.54 -14.82
CA LEU A 306 2.84 31.09 -14.82
C LEU A 306 1.67 30.24 -14.35
N VAL A 307 0.58 30.82 -13.85
CA VAL A 307 -0.59 30.00 -13.42
C VAL A 307 -1.55 29.91 -14.61
N ASP A 308 -1.30 28.92 -15.46
CA ASP A 308 -2.04 28.71 -16.71
C ASP A 308 -1.98 27.22 -17.03
N GLU A 309 -2.46 26.85 -18.21
CA GLU A 309 -2.62 25.42 -18.57
C GLU A 309 -1.26 24.72 -18.68
N ARG A 310 -0.16 25.46 -18.81
CA ARG A 310 1.19 24.85 -18.96
C ARG A 310 1.75 24.36 -17.62
N LEU A 311 1.22 24.85 -16.50
CA LEU A 311 1.82 24.64 -15.16
C LEU A 311 1.46 23.25 -14.64
N MET A 312 2.48 22.49 -14.26
CA MET A 312 2.35 21.35 -13.34
C MET A 312 2.94 21.77 -12.00
N ALA A 313 2.07 21.90 -11.00
CA ALA A 313 2.45 22.29 -9.64
C ALA A 313 2.57 21.04 -8.78
N GLY A 314 3.77 20.79 -8.26
CA GLY A 314 3.98 19.68 -7.31
C GLY A 314 3.40 20.00 -5.96
N HIS A 315 2.60 19.07 -5.44
CA HIS A 315 2.02 19.07 -4.07
C HIS A 315 0.83 20.03 -4.02
N SER A 316 1.07 21.33 -4.01
CA SER A 316 0.04 22.37 -4.25
C SER A 316 -1.19 22.18 -3.34
N ALA A 317 -0.95 21.95 -2.06
CA ALA A 317 -2.02 21.71 -1.06
C ALA A 317 -2.22 22.91 -0.14
N PHE A 318 -1.18 23.68 0.16
CA PHE A 318 -1.26 24.79 1.14
C PHE A 318 -1.56 26.07 0.37
N LEU A 319 -2.80 26.14 -0.14
CA LEU A 319 -3.33 27.23 -0.99
C LEU A 319 -4.54 27.82 -0.27
N ASP A 320 -4.62 29.14 -0.15
CA ASP A 320 -5.84 29.79 0.36
C ASP A 320 -6.88 29.84 -0.75
N ASP A 321 -8.05 30.36 -0.43
CA ASP A 321 -9.19 30.33 -1.38
C ASP A 321 -8.81 31.06 -2.66
N GLN A 322 -8.15 32.20 -2.54
CA GLN A 322 -7.80 32.99 -3.75
C GLN A 322 -6.84 32.17 -4.63
N GLU A 323 -5.88 31.49 -4.02
CA GLU A 323 -4.90 30.69 -4.80
C GLU A 323 -5.60 29.49 -5.43
N GLN A 324 -6.55 28.87 -4.74
CA GLN A 324 -7.35 27.77 -5.34
C GLN A 324 -8.07 28.30 -6.58
N LYS A 325 -8.66 29.47 -6.48
CA LYS A 325 -9.41 30.06 -7.61
C LYS A 325 -8.45 30.41 -8.75
N LEU A 326 -7.24 30.87 -8.45
CA LEU A 326 -6.23 31.14 -9.52
C LEU A 326 -5.91 29.85 -10.27
N MET A 327 -5.73 28.76 -9.55
CA MET A 327 -5.43 27.46 -10.19
C MET A 327 -6.60 27.04 -11.08
N LEU A 328 -7.83 27.12 -10.58
CA LEU A 328 -9.01 26.73 -11.36
C LEU A 328 -9.19 27.64 -12.57
N ALA A 329 -9.00 28.95 -12.40
CA ALA A 329 -9.18 29.93 -13.49
C ALA A 329 -8.14 29.69 -14.58
N GLY A 330 -6.92 29.36 -14.18
CA GLY A 330 -5.82 29.13 -15.11
C GLY A 330 -5.83 27.75 -15.72
N ARG A 331 -6.67 26.84 -15.22
CA ARG A 331 -6.68 25.43 -15.67
C ARG A 331 -5.27 24.84 -15.50
N ALA A 332 -4.62 25.18 -14.40
CA ALA A 332 -3.31 24.60 -14.02
C ALA A 332 -3.52 23.16 -13.56
N HIS A 333 -2.42 22.48 -13.38
CA HIS A 333 -2.37 21.04 -13.09
C HIS A 333 -1.66 20.81 -11.77
N ILE A 334 -2.17 19.87 -10.96
CA ILE A 334 -1.46 19.49 -9.72
C ILE A 334 -0.99 18.05 -9.85
N SER A 335 0.29 17.84 -9.53
CA SER A 335 0.82 16.48 -9.37
C SER A 335 0.93 16.20 -7.88
N HIS A 336 0.29 15.13 -7.43
CA HIS A 336 0.18 14.77 -6.00
C HIS A 336 0.91 13.45 -5.74
N SER A 337 1.54 13.33 -4.58
CA SER A 337 2.40 12.17 -4.27
C SER A 337 1.99 11.54 -2.94
N PRO A 338 0.73 11.05 -2.82
CA PRO A 338 0.25 10.59 -1.52
C PRO A 338 0.87 9.29 -1.01
N GLY A 339 1.61 8.58 -1.87
CA GLY A 339 2.35 7.39 -1.43
C GLY A 339 3.51 7.70 -0.50
N LYS A 340 4.02 8.95 -0.52
CA LYS A 340 5.31 9.23 0.13
C LYS A 340 5.24 10.37 1.14
N TYR A 341 4.09 10.99 1.36
CA TYR A 341 4.06 12.15 2.29
C TYR A 341 4.39 11.71 3.73
N GLY A 342 3.77 10.65 4.22
CA GLY A 342 3.96 10.27 5.63
C GLY A 342 5.43 10.04 5.96
N PRO A 343 6.16 9.21 5.19
CA PRO A 343 7.57 8.96 5.49
C PRO A 343 8.48 10.19 5.44
N SER A 344 8.05 11.24 4.75
N SER A 344 8.05 11.24 4.75
CA SER A 344 8.75 12.55 4.67
CA SER A 344 8.75 12.55 4.68
C SER A 344 8.26 13.50 5.79
C SER A 344 8.26 13.50 5.79
N GLY A 345 7.19 13.15 6.49
CA GLY A 345 6.58 14.05 7.48
C GLY A 345 5.82 15.19 6.82
N GLU A 346 5.48 15.05 5.54
CA GLU A 346 4.65 16.03 4.81
C GLU A 346 3.19 15.77 5.19
N SER A 347 2.38 16.79 5.00
CA SER A 347 0.94 16.77 5.35
C SER A 347 0.12 17.34 4.20
N ALA A 348 0.53 17.07 2.98
CA ALA A 348 -0.03 17.70 1.76
C ALA A 348 -1.31 17.00 1.30
N LEU A 349 -1.84 16.04 2.06
CA LEU A 349 -3.17 15.48 1.75
C LEU A 349 -4.23 15.99 2.73
N THR A 350 -4.07 15.67 4.01
CA THR A 350 -5.19 15.79 4.97
C THR A 350 -5.18 17.10 5.73
N GLU A 351 -4.06 17.76 5.89
CA GLU A 351 -4.02 18.96 6.77
C GLU A 351 -4.91 20.06 6.18
N THR A 352 -4.97 20.17 4.87
CA THR A 352 -5.83 21.16 4.18
C THR A 352 -6.93 20.52 3.35
N GLY A 353 -6.76 19.29 2.87
CA GLY A 353 -7.73 18.65 1.98
C GLY A 353 -7.91 19.33 0.63
N VAL A 354 -7.02 20.25 0.30
CA VAL A 354 -7.20 21.10 -0.91
C VAL A 354 -7.10 20.28 -2.19
N VAL A 355 -6.17 19.34 -2.28
CA VAL A 355 -5.94 18.68 -3.59
C VAL A 355 -7.15 17.83 -3.94
N PRO A 356 -7.70 16.99 -3.03
CA PRO A 356 -8.93 16.29 -3.39
C PRO A 356 -10.10 17.23 -3.72
N ALA A 357 -10.20 18.36 -3.02
CA ALA A 357 -11.26 19.34 -3.28
C ALA A 357 -11.14 19.95 -4.68
N LEU A 358 -9.91 20.31 -5.07
CA LEU A 358 -9.70 20.88 -6.43
C LEU A 358 -9.97 19.83 -7.50
N ARG A 359 -9.60 18.58 -7.23
CA ARG A 359 -9.92 17.47 -8.15
C ARG A 359 -11.43 17.34 -8.29
N ARG A 360 -12.19 17.36 -7.19
CA ARG A 360 -13.67 17.25 -7.28
C ARG A 360 -14.21 18.41 -8.10
N ALA A 361 -13.57 19.58 -8.00
CA ALA A 361 -13.99 20.79 -8.74
C ALA A 361 -13.64 20.69 -10.23
N GLY A 362 -12.88 19.67 -10.65
CA GLY A 362 -12.56 19.42 -12.06
C GLY A 362 -11.17 19.91 -12.45
N LEU A 363 -10.34 20.32 -11.49
CA LEU A 363 -8.92 20.60 -11.82
C LEU A 363 -8.26 19.29 -12.21
N ASP A 364 -7.37 19.33 -13.18
CA ASP A 364 -6.56 18.14 -13.52
C ASP A 364 -5.58 17.86 -12.38
N VAL A 365 -5.67 16.68 -11.82
CA VAL A 365 -4.80 16.22 -10.71
C VAL A 365 -4.28 14.85 -11.11
N SER A 366 -2.96 14.70 -11.13
CA SER A 366 -2.28 13.43 -11.44
C SER A 366 -1.52 12.92 -10.22
N LEU A 367 -1.05 11.68 -10.32
CA LEU A 367 -0.30 11.00 -9.25
C LEU A 367 1.13 10.76 -9.70
N SER A 368 2.06 11.03 -8.80
CA SER A 368 3.50 10.93 -9.09
C SER A 368 4.24 10.39 -7.88
N THR A 369 5.50 10.01 -8.08
CA THR A 369 6.26 9.34 -7.01
C THR A 369 7.13 10.31 -6.24
N ASP A 370 7.47 11.47 -6.80
CA ASP A 370 8.41 12.39 -6.14
C ASP A 370 9.70 11.58 -6.08
N ALA A 371 10.54 11.79 -5.11
CA ALA A 371 11.83 11.13 -5.20
C ALA A 371 12.29 10.71 -3.84
N ALA A 372 13.31 9.91 -3.88
CA ALA A 372 14.40 10.10 -2.93
C ALA A 372 15.57 9.27 -3.40
N ALA A 373 16.43 8.97 -2.46
CA ALA A 373 17.81 8.56 -2.77
C ALA A 373 17.92 7.03 -2.79
N LEU A 374 16.93 6.34 -2.23
CA LEU A 374 16.81 4.86 -2.33
C LEU A 374 15.40 4.57 -2.83
N PRO A 375 15.14 3.37 -3.38
CA PRO A 375 13.80 3.05 -3.87
C PRO A 375 12.70 3.30 -2.82
N GLY A 376 11.66 3.98 -3.28
CA GLY A 376 10.46 4.21 -2.48
C GLY A 376 9.23 3.92 -3.30
N ALA A 377 8.08 4.38 -2.85
CA ALA A 377 6.81 4.10 -3.52
C ALA A 377 6.94 4.41 -5.01
N GLY A 378 6.54 3.46 -5.84
CA GLY A 378 6.41 3.66 -7.29
C GLY A 378 5.03 4.11 -7.67
N ILE A 379 4.75 4.18 -8.95
CA ILE A 379 3.41 4.57 -9.44
C ILE A 379 2.35 3.59 -8.93
N ALA A 380 2.60 2.30 -9.00
CA ALA A 380 1.59 1.32 -8.55
C ALA A 380 1.24 1.58 -7.08
N GLU A 381 2.25 1.81 -6.25
CA GLU A 381 2.04 2.06 -4.81
C GLU A 381 1.27 3.38 -4.62
N THR A 382 1.55 4.36 -5.47
CA THR A 382 0.92 5.69 -5.37
C THR A 382 -0.56 5.59 -5.77
N MET A 383 -0.87 4.78 -6.77
CA MET A 383 -2.27 4.53 -7.18
C MET A 383 -3.04 3.93 -6.00
N ARG A 384 -2.47 2.91 -5.35
CA ARG A 384 -3.15 2.33 -4.17
C ARG A 384 -3.38 3.42 -3.13
N ALA A 385 -2.37 4.22 -2.86
CA ALA A 385 -2.46 5.27 -1.81
C ALA A 385 -3.60 6.23 -2.13
N ALA A 386 -3.74 6.68 -3.36
CA ALA A 386 -4.81 7.63 -3.70
C ALA A 386 -6.18 6.97 -3.50
N TRP A 387 -6.32 5.74 -3.95
CA TRP A 387 -7.57 4.97 -3.84
C TRP A 387 -7.96 4.82 -2.37
N GLN A 388 -7.04 4.42 -1.52
CA GLN A 388 -7.34 4.29 -0.08
C GLN A 388 -7.63 5.68 0.49
N MET A 389 -6.74 6.63 0.26
CA MET A 389 -6.65 7.83 1.12
C MET A 389 -7.67 8.89 0.69
N TYR A 390 -7.87 9.10 -0.59
CA TYR A 390 -8.89 10.09 -1.02
C TYR A 390 -10.27 9.60 -0.61
N ASN A 391 -10.51 8.30 -0.76
CA ASN A 391 -11.85 7.73 -0.49
C ASN A 391 -12.13 7.74 1.00
N GLU A 392 -11.14 7.45 1.84
CA GLU A 392 -11.35 7.44 3.31
C GLU A 392 -11.66 8.87 3.75
N MET A 393 -10.98 9.85 3.17
CA MET A 393 -11.13 11.24 3.67
C MET A 393 -12.55 11.73 3.43
N SER A 394 -13.18 11.28 2.36
N SER A 394 -13.19 11.29 2.35
CA SER A 394 -14.53 11.74 1.93
CA SER A 394 -14.54 11.74 1.93
C SER A 394 -15.61 10.71 2.29
C SER A 394 -15.62 10.72 2.31
N ALA A 395 -15.26 9.61 2.95
CA ALA A 395 -16.24 8.53 3.24
C ALA A 395 -16.96 8.17 1.94
N ASP A 396 -16.19 7.96 0.87
CA ASP A 396 -16.79 7.79 -0.48
C ASP A 396 -15.89 6.85 -1.28
N GLN A 397 -16.31 5.59 -1.42
CA GLN A 397 -15.54 4.59 -2.19
C GLN A 397 -15.60 4.87 -3.69
N THR A 398 -16.29 5.92 -4.12
CA THR A 398 -16.39 6.26 -5.56
C THR A 398 -15.62 7.53 -5.91
N GLU A 399 -14.96 8.18 -4.96
CA GLU A 399 -14.33 9.48 -5.28
C GLU A 399 -13.13 9.25 -6.20
N VAL A 400 -12.26 8.32 -5.82
CA VAL A 400 -11.19 7.79 -6.69
C VAL A 400 -11.52 6.32 -6.92
N LEU A 401 -12.10 6.01 -8.04
CA LEU A 401 -12.29 4.60 -8.45
C LEU A 401 -10.92 4.07 -8.84
N PRO A 402 -10.69 2.74 -8.81
CA PRO A 402 -9.42 2.24 -9.33
C PRO A 402 -9.10 2.78 -10.73
N THR A 403 -10.08 2.85 -11.63
CA THR A 403 -9.80 3.37 -12.99
C THR A 403 -9.42 4.85 -12.95
N ASP A 404 -9.92 5.61 -11.98
CA ASP A 404 -9.44 7.00 -11.79
C ASP A 404 -7.98 7.00 -11.37
N ALA A 405 -7.59 6.17 -10.42
CA ALA A 405 -6.18 6.13 -9.97
C ALA A 405 -5.30 5.82 -11.18
N LEU A 406 -5.75 4.92 -12.04
CA LEU A 406 -4.97 4.59 -13.26
C LEU A 406 -4.92 5.82 -14.18
N ALA A 407 -6.04 6.49 -14.43
CA ALA A 407 -6.05 7.69 -15.29
C ALA A 407 -5.08 8.74 -14.73
N MET A 408 -5.06 8.88 -13.41
CA MET A 408 -4.19 9.90 -12.74
C MET A 408 -2.72 9.58 -12.96
N ALA A 409 -2.38 8.32 -13.18
CA ALA A 409 -0.99 7.86 -13.36
C ALA A 409 -0.64 7.64 -14.85
N THR A 410 -1.55 7.96 -15.76
CA THR A 410 -1.38 7.69 -17.22
C THR A 410 -1.85 8.93 -17.97
N ARG A 411 -3.10 8.95 -18.38
CA ARG A 411 -3.60 9.97 -19.32
C ARG A 411 -3.50 11.36 -18.70
N ILE A 412 -3.97 11.50 -17.47
CA ILE A 412 -4.06 12.86 -16.86
C ILE A 412 -2.63 13.37 -16.65
N ALA A 413 -1.72 12.51 -16.19
CA ALA A 413 -0.30 12.87 -16.02
C ALA A 413 0.27 13.31 -17.38
N ALA A 414 -0.03 12.55 -18.44
CA ALA A 414 0.44 12.90 -19.80
C ALA A 414 -0.08 14.29 -20.19
N LYS A 415 -1.34 14.59 -19.87
CA LYS A 415 -1.91 15.90 -20.20
C LYS A 415 -1.13 16.99 -19.48
N GLY A 416 -0.82 16.80 -18.20
CA GLY A 416 -0.07 17.82 -17.44
C GLY A 416 1.34 18.02 -17.99
N LEU A 417 1.93 16.96 -18.52
CA LEU A 417 3.29 16.98 -19.11
C LEU A 417 3.25 17.48 -20.56
N ARG A 418 2.07 17.67 -21.15
CA ARG A 418 1.84 18.06 -22.57
C ARG A 418 2.43 16.99 -23.49
N TRP A 419 2.26 15.72 -23.09
CA TRP A 419 2.67 14.54 -23.89
C TRP A 419 1.45 13.67 -24.21
N ASP A 420 0.25 14.14 -23.93
CA ASP A 420 -0.99 13.36 -24.18
C ASP A 420 -1.31 13.28 -25.68
N ASP A 421 -0.59 14.02 -26.52
CA ASP A 421 -0.62 13.86 -28.00
C ASP A 421 -0.19 12.43 -28.37
N ALA A 422 0.75 11.87 -27.63
CA ALA A 422 1.38 10.58 -28.03
C ALA A 422 1.27 9.50 -26.96
N VAL A 423 1.10 9.82 -25.68
CA VAL A 423 1.15 8.78 -24.62
C VAL A 423 -0.01 8.98 -23.65
N GLY A 424 -0.12 8.03 -22.72
CA GLY A 424 -1.01 8.12 -21.56
C GLY A 424 -2.26 7.29 -21.70
N SER A 425 -2.60 6.79 -22.89
CA SER A 425 -3.82 5.97 -23.04
C SER A 425 -3.66 5.03 -24.22
N LEU A 426 -4.39 3.92 -24.16
CA LEU A 426 -4.40 2.94 -25.26
C LEU A 426 -5.56 3.30 -26.19
N GLU A 427 -5.23 4.09 -27.19
CA GLU A 427 -6.19 4.62 -28.19
C GLU A 427 -5.47 4.57 -29.53
N PRO A 428 -6.20 4.28 -30.62
CA PRO A 428 -5.58 4.30 -31.94
C PRO A 428 -4.89 5.65 -32.19
N GLY A 429 -3.67 5.56 -32.70
CA GLY A 429 -2.88 6.73 -33.08
C GLY A 429 -1.89 7.13 -32.02
N LYS A 430 -2.08 6.68 -30.77
N LYS A 430 -2.08 6.68 -30.77
CA LYS A 430 -1.14 6.95 -29.67
CA LYS A 430 -1.14 6.95 -29.67
CA LYS A 430 -1.13 6.96 -29.70
C LYS A 430 0.00 5.91 -29.72
C LYS A 430 -0.01 5.91 -29.73
N GLN A 431 1.08 6.18 -29.01
CA GLN A 431 2.24 5.25 -28.97
C GLN A 431 1.83 3.95 -28.29
N ALA A 432 2.40 2.87 -28.78
CA ALA A 432 2.23 1.51 -28.22
C ALA A 432 3.10 1.36 -26.95
N ASP A 433 2.66 2.02 -25.89
CA ASP A 433 3.32 2.00 -24.58
C ASP A 433 2.37 1.27 -23.66
N LEU A 434 2.71 0.05 -23.27
N LEU A 434 2.72 0.05 -23.26
CA LEU A 434 1.76 -0.69 -22.42
CA LEU A 434 1.75 -0.76 -22.49
C LEU A 434 2.48 -1.64 -21.48
C LEU A 434 2.48 -1.64 -21.49
N LEU A 435 1.72 -2.01 -20.46
CA LEU A 435 2.18 -2.93 -19.40
C LEU A 435 1.34 -4.20 -19.44
N LEU A 436 1.95 -5.31 -19.09
CA LEU A 436 1.22 -6.55 -18.79
C LEU A 436 1.55 -6.92 -17.36
N VAL A 437 0.51 -7.32 -16.63
CA VAL A 437 0.59 -7.79 -15.24
C VAL A 437 -0.08 -9.16 -15.21
N ARG A 438 0.57 -10.17 -14.63
CA ARG A 438 -0.08 -11.49 -14.53
C ARG A 438 -1.23 -11.42 -13.53
N THR A 439 -2.32 -12.11 -13.83
CA THR A 439 -3.49 -12.16 -12.93
C THR A 439 -3.79 -13.60 -12.49
N ASP A 440 -2.88 -14.55 -12.75
CA ASP A 440 -3.16 -15.97 -12.47
C ASP A 440 -2.55 -16.36 -11.11
N ASP A 441 -2.92 -15.63 -10.08
CA ASP A 441 -2.63 -16.06 -8.69
C ASP A 441 -3.82 -15.72 -7.78
N TRP A 442 -3.70 -16.16 -6.54
CA TRP A 442 -4.76 -16.09 -5.52
C TRP A 442 -5.28 -14.66 -5.36
N ARG A 443 -4.45 -13.63 -5.57
CA ARG A 443 -4.89 -12.25 -5.30
C ARG A 443 -6.06 -11.86 -6.19
N TYR A 444 -6.12 -12.43 -7.39
CA TYR A 444 -7.04 -12.01 -8.47
C TYR A 444 -8.26 -12.91 -8.58
N LEU A 445 -8.28 -14.02 -7.85
CA LEU A 445 -9.30 -15.07 -8.04
C LEU A 445 -10.71 -14.51 -7.81
N LEU A 446 -11.57 -14.71 -8.82
CA LEU A 446 -13.01 -14.37 -8.86
C LEU A 446 -13.25 -12.88 -9.01
N ASN A 447 -12.21 -12.06 -9.13
CA ASN A 447 -12.44 -10.61 -9.24
C ASN A 447 -12.62 -10.22 -10.71
N PRO A 448 -13.79 -9.71 -11.13
CA PRO A 448 -13.92 -9.22 -12.52
C PRO A 448 -13.17 -7.90 -12.74
N ARG A 449 -12.57 -7.36 -11.67
CA ARG A 449 -11.83 -6.08 -11.70
C ARG A 449 -10.39 -6.34 -11.28
N PRO A 450 -9.55 -6.88 -12.18
CA PRO A 450 -8.19 -7.19 -11.78
C PRO A 450 -7.41 -5.93 -11.34
N LEU A 451 -7.74 -4.76 -11.86
CA LEU A 451 -7.03 -3.54 -11.41
C LEU A 451 -7.26 -3.33 -9.92
N GLU A 452 -8.47 -3.64 -9.44
CA GLU A 452 -8.77 -3.51 -8.00
C GLU A 452 -7.91 -4.47 -7.19
N SER A 453 -7.80 -5.73 -7.59
CA SER A 453 -6.90 -6.68 -6.90
C SER A 453 -5.45 -6.19 -6.95
N PHE A 454 -5.04 -5.61 -8.08
CA PHE A 454 -3.69 -5.04 -8.23
C PHE A 454 -3.47 -3.94 -7.19
N LEU A 455 -4.45 -3.08 -6.98
CA LEU A 455 -4.33 -2.00 -5.97
C LEU A 455 -4.41 -2.58 -4.55
N TRP A 456 -5.14 -3.66 -4.34
CA TRP A 456 -5.20 -4.24 -2.98
C TRP A 456 -3.84 -4.83 -2.59
N LEU A 457 -3.24 -5.60 -3.52
CA LEU A 457 -2.25 -6.64 -3.11
C LEU A 457 -1.06 -6.74 -4.04
N ALA A 458 -0.89 -5.84 -4.99
CA ALA A 458 0.23 -5.92 -5.93
C ALA A 458 0.94 -4.57 -5.97
N GLY A 459 2.01 -4.50 -6.73
CA GLY A 459 2.77 -3.25 -6.83
C GLY A 459 3.78 -3.31 -7.94
N SER A 460 4.75 -2.41 -7.84
CA SER A 460 5.78 -2.20 -8.90
C SER A 460 6.40 -3.53 -9.34
N ALA A 461 6.75 -4.40 -8.40
CA ALA A 461 7.49 -5.64 -8.77
C ALA A 461 6.58 -6.59 -9.53
N ASP A 462 5.27 -6.40 -9.48
CA ASP A 462 4.32 -7.27 -10.22
C ASP A 462 4.15 -6.83 -11.67
N VAL A 463 4.77 -5.71 -12.07
CA VAL A 463 4.79 -5.40 -13.51
C VAL A 463 5.60 -6.49 -14.20
N ASP A 464 5.01 -7.15 -15.19
CA ASP A 464 5.67 -8.29 -15.86
C ASP A 464 6.35 -7.82 -17.15
N THR A 465 5.58 -7.17 -18.01
CA THR A 465 6.05 -6.77 -19.35
C THR A 465 5.86 -5.26 -19.50
N VAL A 466 6.86 -4.62 -20.07
CA VAL A 466 6.83 -3.17 -20.37
C VAL A 466 7.22 -3.01 -21.83
N ILE A 467 6.35 -2.38 -22.60
CA ILE A 467 6.54 -2.16 -24.05
C ILE A 467 6.50 -0.65 -24.26
N VAL A 468 7.49 -0.11 -24.99
CA VAL A 468 7.53 1.33 -25.33
C VAL A 468 7.66 1.44 -26.85
N GLY A 469 6.74 2.14 -27.49
CA GLY A 469 6.77 2.29 -28.95
C GLY A 469 6.80 0.95 -29.65
N GLY A 470 6.12 -0.05 -29.09
CA GLY A 470 6.01 -1.39 -29.69
C GLY A 470 7.19 -2.30 -29.38
N ARG A 471 8.21 -1.78 -28.69
CA ARG A 471 9.43 -2.55 -28.36
C ARG A 471 9.32 -3.10 -26.93
N THR A 472 9.52 -4.40 -26.75
CA THR A 472 9.53 -4.99 -25.39
C THR A 472 10.83 -4.63 -24.68
N LEU A 473 10.75 -3.93 -23.55
CA LEU A 473 11.94 -3.56 -22.74
C LEU A 473 12.05 -4.44 -21.49
N VAL A 474 10.91 -4.92 -20.97
CA VAL A 474 10.86 -5.77 -19.76
C VAL A 474 9.90 -6.90 -20.08
N GLU A 475 10.25 -8.11 -19.67
CA GLU A 475 9.38 -9.29 -19.90
C GLU A 475 9.64 -10.29 -18.78
N GLY A 476 8.58 -10.84 -18.19
CA GLY A 476 8.71 -11.74 -17.04
C GLY A 476 9.42 -11.06 -15.88
N GLY A 477 9.28 -9.74 -15.78
CA GLY A 477 9.89 -8.93 -14.71
C GLY A 477 11.40 -8.79 -14.86
N ARG A 478 11.93 -9.03 -16.06
CA ARG A 478 13.39 -8.95 -16.36
C ARG A 478 13.63 -8.04 -17.57
N GLY A 479 14.70 -7.25 -17.51
CA GLY A 479 15.13 -6.45 -18.67
C GLY A 479 15.44 -7.34 -19.87
N VAL A 480 14.99 -6.94 -21.04
CA VAL A 480 15.23 -7.66 -22.32
C VAL A 480 16.63 -7.30 -22.86
N GLU A 481 16.92 -6.01 -22.97
CA GLU A 481 18.27 -5.52 -23.36
C GLU A 481 19.02 -5.03 -22.13
N VAL A 482 18.31 -4.61 -21.08
CA VAL A 482 18.96 -4.20 -19.81
C VAL A 482 19.60 -5.43 -19.17
N ASP A 483 20.86 -5.32 -18.75
CA ASP A 483 21.50 -6.26 -17.79
C ASP A 483 21.41 -5.61 -16.41
N GLU A 484 20.39 -6.00 -15.64
CA GLU A 484 20.10 -5.41 -14.32
C GLU A 484 21.31 -5.48 -13.39
N ALA A 485 21.96 -6.64 -13.28
CA ALA A 485 23.13 -6.82 -12.39
C ALA A 485 24.25 -5.87 -12.83
N ALA A 486 24.45 -5.70 -14.13
CA ALA A 486 25.52 -4.82 -14.68
C ALA A 486 25.18 -3.36 -14.38
N LEU A 487 23.93 -2.94 -14.57
CA LEU A 487 23.52 -1.54 -14.27
C LEU A 487 23.76 -1.30 -12.78
N ARG A 488 23.37 -2.26 -11.95
CA ARG A 488 23.52 -2.15 -10.48
C ARG A 488 24.99 -1.97 -10.13
N ASP A 489 25.84 -2.83 -10.65
CA ASP A 489 27.27 -2.81 -10.27
C ASP A 489 27.91 -1.49 -10.72
N ARG A 490 27.54 -0.97 -11.89
CA ARG A 490 28.10 0.33 -12.38
C ARG A 490 27.58 1.47 -11.48
N TYR A 491 26.33 1.40 -11.05
CA TYR A 491 25.74 2.42 -10.14
C TYR A 491 26.48 2.41 -8.81
N LEU A 492 26.73 1.21 -8.27
CA LEU A 492 27.39 1.11 -6.95
C LEU A 492 28.82 1.67 -7.03
N GLN A 493 29.54 1.37 -8.10
CA GLN A 493 30.91 1.90 -8.31
C GLN A 493 30.87 3.42 -8.39
N ALA A 494 29.92 3.96 -9.16
CA ALA A 494 29.76 5.42 -9.34
C ALA A 494 29.40 6.07 -8.00
N LEU A 495 28.49 5.45 -7.28
CA LEU A 495 28.05 5.97 -5.97
C LEU A 495 29.24 6.00 -5.00
N ARG A 496 30.09 4.98 -5.03
CA ARG A 496 31.28 4.93 -4.15
C ARG A 496 32.16 6.16 -4.42
N GLY A 497 32.45 6.43 -5.70
CA GLY A 497 33.30 7.57 -6.09
C GLY A 497 32.69 8.89 -5.64
N PHE A 498 31.44 9.13 -5.99
CA PHE A 498 30.77 10.42 -5.70
C PHE A 498 30.65 10.63 -4.19
N THR A 499 30.31 9.58 -3.45
CA THR A 499 30.08 9.64 -2.00
C THR A 499 31.38 9.97 -1.27
N THR A 500 32.48 9.30 -1.64
CA THR A 500 33.78 9.49 -0.97
C THR A 500 34.38 10.85 -1.37
N ARG A 501 34.29 11.23 -2.65
CA ARG A 501 34.99 12.42 -3.18
C ARG A 501 34.15 13.70 -2.95
N ALA A 502 32.91 13.74 -3.45
CA ALA A 502 32.06 14.95 -3.46
C ALA A 502 31.33 15.12 -2.12
N LEU A 503 30.85 14.03 -1.51
CA LEU A 503 30.08 14.12 -0.23
C LEU A 503 31.02 13.97 0.97
N ARG A 504 32.28 13.58 0.73
CA ARG A 504 33.36 13.53 1.76
C ARG A 504 32.98 12.55 2.88
N VAL A 505 32.25 11.49 2.55
CA VAL A 505 32.00 10.36 3.49
C VAL A 505 33.25 9.48 3.47
N PRO A 506 33.85 9.16 4.64
CA PRO A 506 35.03 8.30 4.69
C PRO A 506 34.78 6.94 4.01
N ALA A 507 35.77 6.44 3.26
CA ALA A 507 35.77 5.10 2.62
C ALA A 507 35.44 4.03 3.68
N GLU A 508 35.89 4.23 4.92
CA GLU A 508 35.73 3.29 6.06
C GLU A 508 34.23 3.05 6.33
N ALA A 509 33.37 4.04 6.06
CA ALA A 509 31.90 3.97 6.25
C ALA A 509 31.22 3.37 5.01
N VAL A 510 31.78 3.59 3.81
CA VAL A 510 31.14 3.24 2.51
C VAL A 510 31.45 1.79 2.12
N ASP A 511 32.71 1.36 2.21
CA ASP A 511 33.17 0.07 1.63
C ASP A 511 32.52 -1.14 2.30
N PRO A 512 32.34 -1.20 3.65
CA PRO A 512 31.66 -2.32 4.28
C PRO A 512 30.20 -2.51 3.83
N VAL A 513 29.49 -1.40 3.59
CA VAL A 513 28.08 -1.43 3.07
C VAL A 513 28.11 -2.05 1.67
N LEU A 514 29.04 -1.60 0.82
CA LEU A 514 29.15 -2.16 -0.55
C LEU A 514 29.55 -3.63 -0.49
N ALA A 515 30.39 -4.02 0.49
CA ALA A 515 30.86 -5.41 0.66
C ALA A 515 29.69 -6.32 1.04
N GLU A 516 28.69 -5.79 1.75
CA GLU A 516 27.49 -6.55 2.22
C GLU A 516 26.45 -6.74 1.09
N VAL A 517 26.56 -6.01 -0.02
CA VAL A 517 25.52 -6.06 -1.08
C VAL A 517 25.31 -7.52 -1.48
N ALA A 518 24.03 -7.95 -1.56
CA ALA A 518 23.61 -9.28 -2.02
C ALA A 518 23.71 -9.30 -3.55
N ARG A 519 24.85 -9.74 -4.09
CA ARG A 519 25.18 -9.63 -5.55
C ARG A 519 24.44 -10.74 -6.32
N THR B 17 -7.42 -35.39 18.31
CA THR B 17 -5.96 -35.58 18.54
C THR B 17 -5.13 -34.78 17.53
N GLU B 18 -3.99 -34.26 17.97
CA GLU B 18 -3.10 -33.37 17.17
C GLU B 18 -2.50 -34.14 15.99
N ASN B 19 -2.21 -35.42 16.15
CA ASN B 19 -1.53 -36.24 15.12
C ASN B 19 -2.40 -36.36 13.86
N LEU B 20 -3.70 -36.10 13.95
CA LEU B 20 -4.55 -36.10 12.74
C LEU B 20 -4.03 -35.06 11.74
N TYR B 21 -3.45 -33.96 12.23
CA TYR B 21 -3.15 -32.78 11.40
C TYR B 21 -1.68 -32.78 10.97
N PHE B 22 -0.79 -33.03 11.91
CA PHE B 22 0.68 -32.98 11.71
C PHE B 22 1.33 -34.00 12.64
N GLN B 23 2.48 -34.50 12.21
CA GLN B 23 3.23 -35.48 13.01
C GLN B 23 4.68 -35.00 13.16
N GLY B 24 5.31 -35.38 14.28
CA GLY B 24 6.76 -35.23 14.50
C GLY B 24 7.11 -33.97 15.27
N ALA B 25 8.29 -33.98 15.88
CA ALA B 25 8.86 -32.83 16.61
C ALA B 25 9.83 -32.10 15.68
N MET B 26 9.98 -30.82 15.91
CA MET B 26 10.72 -29.95 14.98
C MET B 26 12.22 -29.93 15.32
N GLY B 27 12.63 -30.36 16.51
CA GLY B 27 14.05 -30.32 16.93
C GLY B 27 14.59 -28.91 16.91
N ALA B 28 15.90 -28.75 16.74
CA ALA B 28 16.57 -27.44 16.77
C ALA B 28 16.68 -26.87 15.35
N ARG B 29 16.46 -25.57 15.24
CA ARG B 29 16.60 -24.81 13.99
C ARG B 29 17.39 -23.55 14.29
N LEU B 30 18.39 -23.26 13.49
CA LEU B 30 19.16 -22.01 13.58
C LEU B 30 18.91 -21.24 12.30
N ILE B 31 18.28 -20.08 12.42
CA ILE B 31 17.98 -19.20 11.26
C ILE B 31 18.92 -18.01 11.37
N THR B 32 19.94 -17.94 10.50
CA THR B 32 21.06 -17.03 10.82
C THR B 32 21.49 -16.20 9.60
N GLY B 33 21.93 -14.98 9.87
CA GLY B 33 22.59 -14.06 8.90
C GLY B 33 21.66 -12.97 8.40
N GLY B 34 20.37 -13.06 8.65
CA GLY B 34 19.43 -12.02 8.16
C GLY B 34 19.38 -10.79 9.08
N THR B 35 18.63 -9.75 8.70
CA THR B 35 18.18 -8.73 9.67
C THR B 35 16.97 -9.27 10.43
N VAL B 36 17.07 -9.35 11.74
CA VAL B 36 16.01 -9.92 12.60
C VAL B 36 15.28 -8.78 13.32
N TYR B 37 13.97 -8.67 13.09
CA TYR B 37 13.07 -7.77 13.83
C TYR B 37 12.36 -8.59 14.88
N THR B 38 12.51 -8.23 16.14
CA THR B 38 11.96 -9.04 17.25
C THR B 38 10.56 -8.61 17.66
N ALA B 39 10.21 -7.34 17.50
CA ALA B 39 9.04 -6.73 18.14
C ALA B 39 9.03 -7.04 19.64
N ASP B 40 10.18 -7.10 20.29
CA ASP B 40 10.24 -7.25 21.76
C ASP B 40 9.95 -5.88 22.38
N ALA B 41 10.01 -5.78 23.71
CA ALA B 41 9.63 -4.55 24.44
C ALA B 41 10.44 -3.35 23.95
N GLN B 42 11.69 -3.59 23.52
CA GLN B 42 12.59 -2.50 23.07
C GLN B 42 12.53 -2.38 21.54
N GLU B 43 11.64 -3.10 20.88
CA GLU B 43 11.51 -3.10 19.39
C GLU B 43 12.87 -3.48 18.79
N SER B 44 13.58 -4.41 19.40
N SER B 44 13.60 -4.39 19.42
CA SER B 44 14.99 -4.73 19.06
CA SER B 44 15.02 -4.64 19.06
C SER B 44 15.10 -5.20 17.59
C SER B 44 15.12 -5.18 17.62
N VAL B 45 16.13 -4.69 16.91
CA VAL B 45 16.46 -5.10 15.52
C VAL B 45 17.92 -5.55 15.55
N HIS B 46 18.21 -6.70 14.94
CA HIS B 46 19.59 -7.25 14.91
C HIS B 46 20.03 -7.44 13.46
N ALA B 47 20.90 -6.57 12.98
CA ALA B 47 21.58 -6.79 11.69
C ALA B 47 22.45 -8.04 11.83
N ARG B 48 22.49 -8.90 10.82
CA ARG B 48 23.26 -10.17 10.89
C ARG B 48 22.91 -10.88 12.21
N GLY B 49 21.62 -10.95 12.48
CA GLY B 49 21.11 -11.62 13.67
C GLY B 49 20.80 -13.07 13.41
N ALA B 50 20.35 -13.74 14.45
CA ALA B 50 19.95 -15.15 14.35
C ALA B 50 18.86 -15.44 15.34
N VAL B 51 18.13 -16.50 15.05
CA VAL B 51 17.12 -17.09 15.95
C VAL B 51 17.41 -18.59 16.07
N LEU B 52 17.58 -19.06 17.29
CA LEU B 52 17.63 -20.51 17.59
C LEU B 52 16.30 -20.93 18.18
N THR B 53 15.67 -21.93 17.56
CA THR B 53 14.42 -22.52 18.04
C THR B 53 14.68 -23.98 18.40
N VAL B 54 14.01 -24.45 19.42
CA VAL B 54 14.02 -25.88 19.79
C VAL B 54 12.58 -26.31 19.96
N ASP B 55 12.17 -27.31 19.18
CA ASP B 55 10.76 -27.75 19.13
C ASP B 55 9.90 -26.53 18.83
N ASP B 56 8.94 -26.20 19.71
CA ASP B 56 7.93 -25.16 19.40
C ASP B 56 8.39 -23.77 19.84
N LYS B 57 9.56 -23.63 20.50
CA LYS B 57 9.90 -22.35 21.17
C LYS B 57 11.20 -21.73 20.67
N VAL B 58 11.23 -20.41 20.76
CA VAL B 58 12.48 -19.64 20.65
C VAL B 58 13.35 -19.92 21.87
N VAL B 59 14.64 -20.23 21.66
CA VAL B 59 15.62 -20.40 22.77
C VAL B 59 16.56 -19.19 22.84
N ALA B 60 16.98 -18.65 21.69
CA ALA B 60 17.92 -17.51 21.69
C ALA B 60 17.64 -16.67 20.45
N VAL B 61 17.83 -15.37 20.60
CA VAL B 61 17.66 -14.42 19.49
C VAL B 61 18.59 -13.24 19.77
N GLY B 62 19.31 -12.81 18.76
CA GLY B 62 20.25 -11.69 18.95
C GLY B 62 21.32 -11.73 17.86
N PRO B 63 22.45 -11.06 18.07
CA PRO B 63 23.54 -11.13 17.11
C PRO B 63 23.93 -12.59 16.81
N ALA B 64 24.27 -12.91 15.56
CA ALA B 64 24.57 -14.30 15.13
C ALA B 64 25.61 -14.95 16.06
N VAL B 65 26.67 -14.23 16.42
CA VAL B 65 27.79 -14.81 17.24
C VAL B 65 27.27 -15.25 18.62
N GLU B 66 26.48 -14.40 19.25
CA GLU B 66 25.83 -14.67 20.57
C GLU B 66 24.93 -15.90 20.47
N VAL B 67 24.13 -16.00 19.42
CA VAL B 67 23.20 -17.15 19.27
C VAL B 67 24.00 -18.43 19.01
N GLU B 68 25.13 -18.36 18.31
CA GLU B 68 25.98 -19.56 18.10
C GLU B 68 26.44 -20.11 19.47
N GLN B 69 26.62 -19.26 20.47
CA GLN B 69 27.00 -19.71 21.85
C GLN B 69 25.87 -20.59 22.42
N ALA B 70 24.61 -20.24 22.17
CA ALA B 70 23.44 -21.03 22.60
C ALA B 70 23.42 -22.37 21.85
N VAL B 71 23.81 -22.37 20.58
CA VAL B 71 23.87 -23.63 19.79
C VAL B 71 24.85 -24.59 20.49
N GLN B 72 25.95 -24.06 21.02
CA GLN B 72 27.02 -24.84 21.69
C GLN B 72 26.51 -25.54 22.97
N ALA B 73 25.37 -25.12 23.52
CA ALA B 73 24.78 -25.75 24.73
C ALA B 73 23.92 -26.98 24.38
N LEU B 74 23.77 -27.33 23.11
CA LEU B 74 22.89 -28.47 22.70
C LEU B 74 23.64 -29.80 22.81
N ASP B 75 22.92 -30.88 23.13
CA ASP B 75 23.51 -32.23 23.34
C ASP B 75 23.87 -32.85 22.00
N PRO B 76 24.64 -33.97 21.96
CA PRO B 76 25.08 -34.58 20.70
C PRO B 76 23.93 -34.91 19.74
N ALA B 77 22.80 -35.39 20.27
CA ALA B 77 21.63 -35.84 19.47
C ALA B 77 20.91 -34.64 18.85
N VAL B 78 20.65 -33.59 19.64
CA VAL B 78 19.93 -32.38 19.18
C VAL B 78 20.84 -31.65 18.20
N ARG B 79 22.15 -31.60 18.48
CA ARG B 79 23.14 -30.95 17.58
C ARG B 79 23.21 -31.69 16.25
N ALA B 80 23.25 -33.03 16.27
CA ALA B 80 23.37 -33.86 15.05
C ALA B 80 22.19 -33.56 14.12
N GLU B 81 21.02 -33.19 14.67
CA GLU B 81 19.78 -33.01 13.87
C GLU B 81 19.48 -31.52 13.67
N LEU B 82 20.35 -30.62 14.12
CA LEU B 82 20.15 -29.16 13.96
C LEU B 82 19.98 -28.81 12.47
N ARG B 83 18.92 -28.07 12.15
CA ARG B 83 18.64 -27.55 10.78
C ARG B 83 19.10 -26.09 10.72
N ARG B 84 20.17 -25.83 9.97
CA ARG B 84 20.71 -24.47 9.75
C ARG B 84 20.06 -23.90 8.50
N LEU B 85 19.40 -22.76 8.65
CA LEU B 85 18.71 -22.05 7.55
C LEU B 85 19.49 -20.76 7.31
N ASP B 86 20.10 -20.64 6.13
CA ASP B 86 20.89 -19.44 5.75
C ASP B 86 19.89 -18.35 5.36
N ALA B 87 19.70 -17.39 6.27
CA ALA B 87 18.77 -16.26 6.05
C ALA B 87 19.57 -15.00 5.69
N SER B 88 20.79 -15.15 5.17
CA SER B 88 21.67 -13.98 4.91
C SER B 88 21.05 -13.08 3.85
N ARG B 89 20.18 -13.61 2.96
CA ARG B 89 19.54 -12.76 1.93
C ARG B 89 18.08 -12.50 2.30
N MET B 90 17.78 -12.48 3.60
CA MET B 90 16.39 -12.39 4.07
C MET B 90 16.29 -11.44 5.27
N MET B 91 15.05 -11.09 5.55
CA MET B 91 14.59 -10.39 6.76
C MET B 91 13.74 -11.38 7.54
N VAL B 92 13.91 -11.39 8.86
CA VAL B 92 13.14 -12.24 9.79
C VAL B 92 12.20 -11.34 10.58
N LEU B 93 10.91 -11.69 10.60
CA LEU B 93 9.88 -10.98 11.37
C LEU B 93 9.23 -11.97 12.31
N PRO B 94 8.57 -11.49 13.38
CA PRO B 94 7.62 -12.32 14.09
C PRO B 94 6.43 -12.62 13.17
N GLY B 95 5.78 -13.77 13.39
CA GLY B 95 4.52 -14.03 12.69
C GLY B 95 3.50 -12.94 12.97
N PHE B 96 2.74 -12.58 11.96
CA PHE B 96 1.70 -11.54 12.13
C PHE B 96 0.54 -12.07 12.95
N VAL B 97 0.02 -11.21 13.81
CA VAL B 97 -1.15 -11.50 14.67
C VAL B 97 -2.27 -10.59 14.19
N ASN B 98 -3.20 -11.15 13.43
CA ASN B 98 -4.32 -10.43 12.80
C ASN B 98 -5.56 -10.65 13.66
N ALA B 99 -5.79 -9.79 14.64
CA ALA B 99 -6.73 -10.06 15.75
C ALA B 99 -8.15 -9.60 15.42
N HIS B 100 -8.34 -8.90 14.31
CA HIS B 100 -9.68 -8.41 13.87
C HIS B 100 -9.84 -8.80 12.41
N TRP B 101 -10.49 -9.93 12.23
CA TRP B 101 -10.73 -10.57 10.93
C TRP B 101 -12.11 -11.18 10.95
N HIS B 102 -12.67 -11.37 9.76
CA HIS B 102 -13.97 -12.01 9.55
C HIS B 102 -13.84 -12.97 8.38
N GLU B 103 -14.35 -14.18 8.54
CA GLU B 103 -14.48 -15.12 7.40
C GLU B 103 -15.76 -14.76 6.65
N MET B 104 -15.62 -14.23 5.44
CA MET B 104 -16.74 -13.75 4.61
C MET B 104 -16.65 -14.27 3.17
N PHE B 105 -15.76 -15.21 2.90
CA PHE B 105 -15.55 -15.69 1.51
C PHE B 105 -16.81 -16.42 0.97
N ALA B 106 -17.77 -16.81 1.81
CA ALA B 106 -19.02 -17.41 1.28
C ALA B 106 -19.81 -16.37 0.48
N MET B 107 -19.53 -15.08 0.66
CA MET B 107 -20.26 -13.98 0.00
C MET B 107 -19.52 -13.49 -1.25
N GLY B 108 -18.57 -14.27 -1.78
CA GLY B 108 -17.74 -13.85 -2.93
C GLY B 108 -18.55 -13.44 -4.16
N PHE B 109 -19.74 -14.02 -4.38
CA PHE B 109 -20.51 -13.72 -5.61
C PHE B 109 -21.33 -12.43 -5.48
N THR B 110 -21.60 -11.94 -4.26
CA THR B 110 -22.60 -10.86 -4.03
C THR B 110 -22.02 -9.66 -3.29
N MET B 111 -20.97 -9.83 -2.49
CA MET B 111 -20.42 -8.75 -1.62
C MET B 111 -19.22 -8.11 -2.33
N ARG B 112 -19.44 -6.94 -2.97
CA ARG B 112 -18.40 -6.21 -3.75
C ARG B 112 -17.66 -7.25 -4.57
N GLY B 113 -18.38 -8.12 -5.28
CA GLY B 113 -17.77 -9.43 -5.61
C GLY B 113 -17.72 -9.79 -7.08
N ALA B 114 -17.89 -11.08 -7.34
CA ALA B 114 -17.58 -11.73 -8.63
C ALA B 114 -18.55 -11.33 -9.73
N LEU B 115 -19.74 -10.81 -9.39
CA LEU B 115 -20.80 -10.52 -10.38
C LEU B 115 -20.77 -9.05 -10.84
N ARG B 116 -19.87 -8.25 -10.29
CA ARG B 116 -19.77 -6.84 -10.71
C ARG B 116 -19.32 -6.75 -12.16
N PRO B 117 -19.73 -5.69 -12.89
CA PRO B 117 -19.18 -5.44 -14.20
C PRO B 117 -17.71 -5.08 -14.08
N PRO B 118 -16.88 -5.41 -15.10
CA PRO B 118 -15.47 -5.05 -15.06
C PRO B 118 -15.24 -3.54 -14.94
N SER B 119 -16.08 -2.73 -15.59
CA SER B 119 -16.03 -1.26 -15.40
C SER B 119 -16.52 -0.88 -14.00
N ASP B 120 -15.81 0.01 -13.34
CA ASP B 120 -16.19 0.52 -12.00
C ASP B 120 -16.95 1.85 -12.12
N ARG B 121 -17.25 2.31 -13.33
CA ARG B 121 -17.65 3.73 -13.51
C ARG B 121 -19.02 4.00 -12.88
N ALA B 122 -19.90 3.00 -12.81
CA ALA B 122 -21.27 3.17 -12.29
C ALA B 122 -21.35 2.86 -10.80
N ASP B 123 -20.23 2.65 -10.12
CA ASP B 123 -20.27 2.32 -8.69
C ASP B 123 -20.95 3.42 -7.90
N GLN B 124 -21.67 3.02 -6.87
N GLN B 124 -21.68 3.04 -6.87
CA GLN B 124 -22.41 3.92 -5.96
CA GLN B 124 -22.40 3.98 -5.98
C GLN B 124 -21.88 3.79 -4.53
C GLN B 124 -21.94 3.78 -4.54
N VAL B 125 -22.06 4.84 -3.74
CA VAL B 125 -21.82 4.79 -2.28
C VAL B 125 -22.94 3.94 -1.67
N ALA B 126 -22.55 2.91 -0.95
CA ALA B 126 -23.50 2.02 -0.26
C ALA B 126 -22.83 1.42 0.97
N PHE B 127 -23.64 0.72 1.74
N PHE B 127 -23.63 0.69 1.74
CA PHE B 127 -23.23 -0.10 2.91
CA PHE B 127 -23.16 -0.14 2.88
C PHE B 127 -22.51 0.80 3.92
C PHE B 127 -22.50 0.78 3.92
N MET B 128 -21.20 0.61 4.15
CA MET B 128 -20.50 1.38 5.20
C MET B 128 -20.12 2.78 4.70
N GLY B 129 -20.31 3.07 3.41
CA GLY B 129 -19.91 4.36 2.84
C GLY B 129 -20.85 5.50 3.21
N GLY B 130 -20.39 6.73 3.00
CA GLY B 130 -21.26 7.91 3.12
C GLY B 130 -21.74 8.15 4.54
N GLY B 131 -20.97 7.69 5.52
CA GLY B 131 -21.34 7.79 6.95
C GLY B 131 -22.01 6.53 7.46
N GLY B 132 -22.42 5.63 6.57
CA GLY B 132 -23.01 4.34 6.91
C GLY B 132 -24.52 4.32 6.74
N ASP B 133 -25.01 3.31 6.03
CA ASP B 133 -26.47 3.04 5.92
C ASP B 133 -26.82 2.18 7.12
N MET B 134 -27.18 2.82 8.23
CA MET B 134 -27.26 2.08 9.53
C MET B 134 -28.36 1.01 9.46
N HIS B 135 -29.49 1.27 8.81
CA HIS B 135 -30.55 0.24 8.73
C HIS B 135 -30.06 -0.96 7.93
N GLN B 136 -29.43 -0.72 6.78
CA GLN B 136 -28.94 -1.82 5.91
C GLN B 136 -27.88 -2.62 6.65
N ILE B 137 -26.95 -1.94 7.31
CA ILE B 137 -25.84 -2.64 8.03
C ILE B 137 -26.44 -3.52 9.13
N SER B 138 -27.35 -2.96 9.91
CA SER B 138 -27.95 -3.69 11.05
C SER B 138 -28.73 -4.90 10.52
N ALA B 139 -29.55 -4.71 9.50
CA ALA B 139 -30.37 -5.80 8.93
C ALA B 139 -29.46 -6.88 8.37
N THR B 140 -28.41 -6.50 7.66
CA THR B 140 -27.47 -7.47 7.03
C THR B 140 -26.83 -8.30 8.14
N PHE B 141 -26.33 -7.66 9.19
CA PHE B 141 -25.66 -8.40 10.30
C PHE B 141 -26.64 -9.36 10.95
N ASP B 142 -27.89 -8.96 11.11
CA ASP B 142 -28.84 -9.82 11.84
C ASP B 142 -29.22 -11.04 10.98
N ARG B 143 -28.94 -11.02 9.68
CA ARG B 143 -29.26 -12.16 8.77
C ARG B 143 -28.14 -13.22 8.79
N PHE B 144 -27.03 -12.99 9.48
CA PHE B 144 -25.89 -13.94 9.46
C PHE B 144 -26.31 -15.29 10.06
N ASP B 145 -27.01 -15.31 11.20
CA ASP B 145 -27.34 -16.61 11.83
C ASP B 145 -28.08 -17.51 10.83
N GLY B 146 -29.06 -16.96 10.11
CA GLY B 146 -29.84 -17.78 9.15
C GLY B 146 -28.97 -18.30 8.04
N LEU B 147 -28.04 -17.50 7.54
CA LEU B 147 -27.16 -17.93 6.44
C LEU B 147 -26.14 -18.96 6.92
N ILE B 148 -25.61 -18.80 8.13
CA ILE B 148 -24.68 -19.80 8.73
C ILE B 148 -25.41 -21.14 8.85
N GLU B 149 -26.67 -21.11 9.30
N GLU B 149 -26.68 -21.13 9.27
CA GLU B 149 -27.53 -22.32 9.45
CA GLU B 149 -27.43 -22.40 9.44
C GLU B 149 -27.72 -22.97 8.07
C GLU B 149 -27.82 -22.99 8.08
N ALA B 150 -27.88 -22.16 7.02
CA ALA B 150 -28.16 -22.64 5.65
C ALA B 150 -26.90 -23.26 5.02
N MET B 151 -25.72 -22.93 5.52
CA MET B 151 -24.43 -23.43 4.98
C MET B 151 -24.22 -24.88 5.45
N THR B 152 -23.84 -25.77 4.54
CA THR B 152 -23.55 -27.17 4.93
C THR B 152 -22.23 -27.24 5.67
N GLU B 153 -22.02 -28.31 6.44
CA GLU B 153 -20.74 -28.55 7.16
C GLU B 153 -19.61 -28.64 6.12
N ASP B 154 -19.84 -29.30 4.98
CA ASP B 154 -18.82 -29.47 3.91
C ASP B 154 -18.49 -28.09 3.31
N GLU B 155 -19.51 -27.28 3.03
CA GLU B 155 -19.28 -25.94 2.45
C GLU B 155 -18.46 -25.12 3.44
N ALA B 156 -18.85 -25.14 4.71
CA ALA B 156 -18.20 -24.32 5.75
C ALA B 156 -16.70 -24.68 5.81
N ARG B 157 -16.38 -25.97 5.88
CA ARG B 157 -14.98 -26.41 6.03
C ARG B 157 -14.15 -26.00 4.82
N ALA B 158 -14.69 -26.13 3.61
CA ALA B 158 -13.94 -25.81 2.38
C ALA B 158 -13.70 -24.31 2.28
N ILE B 159 -14.73 -23.53 2.56
CA ILE B 159 -14.61 -22.06 2.42
C ILE B 159 -13.67 -21.57 3.53
N ALA B 160 -13.83 -22.05 4.76
CA ALA B 160 -12.96 -21.62 5.89
C ALA B 160 -11.50 -21.93 5.58
N GLU B 161 -11.22 -23.13 5.09
CA GLU B 161 -9.80 -23.56 4.96
C GLU B 161 -9.12 -22.68 3.90
N TYR B 162 -9.81 -22.39 2.81
CA TYR B 162 -9.20 -21.54 1.75
C TYR B 162 -9.03 -20.11 2.26
N SER B 163 -10.07 -19.57 2.87
CA SER B 163 -10.05 -18.19 3.42
C SER B 163 -8.90 -18.03 4.43
N MET B 164 -8.75 -19.00 5.32
CA MET B 164 -7.71 -18.91 6.37
C MET B 164 -6.33 -19.21 5.78
N TRP B 165 -6.24 -20.05 4.77
CA TRP B 165 -4.97 -20.25 4.02
C TRP B 165 -4.50 -18.91 3.47
N ILE B 166 -5.38 -18.12 2.89
CA ILE B 166 -4.94 -16.82 2.33
C ILE B 166 -4.33 -15.96 3.43
N GLN B 167 -4.89 -15.98 4.63
CA GLN B 167 -4.27 -15.25 5.77
C GLN B 167 -2.87 -15.81 6.06
N LEU B 168 -2.77 -17.12 6.19
CA LEU B 168 -1.48 -17.76 6.50
C LEU B 168 -0.43 -17.44 5.44
N ARG B 169 -0.82 -17.50 4.16
CA ARG B 169 0.08 -17.21 3.02
C ARG B 169 0.71 -15.81 3.16
N GLY B 170 -0.05 -14.88 3.70
CA GLY B 170 0.39 -13.49 3.90
C GLY B 170 1.13 -13.28 5.21
N GLY B 171 1.47 -14.36 5.92
CA GLY B 171 2.28 -14.27 7.15
C GLY B 171 1.47 -14.18 8.42
N VAL B 172 0.15 -14.40 8.35
CA VAL B 172 -0.66 -14.41 9.60
C VAL B 172 -0.49 -15.79 10.25
N THR B 173 0.15 -15.81 11.41
CA THR B 173 0.36 -17.05 12.18
C THR B 173 -0.67 -17.17 13.30
N THR B 174 -1.21 -16.07 13.77
CA THR B 174 -2.30 -16.06 14.78
C THR B 174 -3.44 -15.19 14.24
N LEU B 175 -4.62 -15.77 14.11
CA LEU B 175 -5.79 -15.13 13.48
C LEU B 175 -6.91 -15.04 14.51
N GLY B 176 -7.55 -13.88 14.61
CA GLY B 176 -8.67 -13.65 15.54
C GLY B 176 -9.97 -13.41 14.81
N ASP B 177 -10.95 -14.28 15.06
CA ASP B 177 -12.32 -14.14 14.53
C ASP B 177 -13.08 -13.10 15.35
N MET B 178 -13.52 -12.01 14.72
CA MET B 178 -14.40 -11.01 15.37
C MET B 178 -15.80 -11.03 14.74
N GLY B 179 -16.19 -12.19 14.20
CA GLY B 179 -17.59 -12.44 13.79
C GLY B 179 -17.64 -12.81 12.33
N SER B 180 -17.91 -14.07 12.05
CA SER B 180 -17.76 -14.62 10.69
C SER B 180 -19.08 -15.18 10.16
N LEU B 181 -19.25 -15.12 8.84
CA LEU B 181 -20.33 -15.86 8.16
C LEU B 181 -19.82 -17.25 7.81
N ASN B 182 -19.60 -18.04 8.85
CA ASN B 182 -19.13 -19.43 8.72
C ASN B 182 -19.44 -20.12 10.04
N ARG B 183 -19.32 -21.45 10.06
CA ARG B 183 -19.58 -22.26 11.25
C ARG B 183 -18.34 -22.25 12.12
N PRO B 184 -18.44 -21.86 13.41
CA PRO B 184 -17.27 -21.81 14.29
C PRO B 184 -16.40 -23.07 14.28
N LEU B 185 -17.01 -24.25 14.38
CA LEU B 185 -16.20 -25.49 14.46
C LEU B 185 -15.57 -25.79 13.10
N ALA B 186 -16.13 -25.32 12.00
CA ALA B 186 -15.50 -25.45 10.67
C ALA B 186 -14.22 -24.61 10.63
N MET B 187 -14.27 -23.41 11.18
CA MET B 187 -13.07 -22.54 11.19
C MET B 187 -12.03 -23.12 12.16
N VAL B 188 -12.45 -23.66 13.30
CA VAL B 188 -11.49 -24.32 14.23
C VAL B 188 -10.81 -25.48 13.49
N GLU B 189 -11.59 -26.30 12.79
CA GLU B 189 -11.03 -27.47 12.08
C GLU B 189 -10.06 -26.99 10.99
N ALA B 190 -10.42 -25.91 10.29
CA ALA B 190 -9.54 -25.36 9.23
C ALA B 190 -8.20 -24.95 9.86
N ALA B 191 -8.23 -24.26 11.00
CA ALA B 191 -6.99 -23.82 11.67
C ALA B 191 -6.16 -25.04 12.07
N ARG B 192 -6.81 -26.07 12.61
CA ARG B 192 -6.09 -27.30 13.01
C ARG B 192 -5.39 -27.89 11.77
N ARG B 193 -6.11 -27.97 10.65
CA ARG B 193 -5.54 -28.56 9.42
C ARG B 193 -4.39 -27.70 8.88
N LEU B 194 -4.51 -26.39 8.97
CA LEU B 194 -3.53 -25.47 8.35
C LEU B 194 -2.25 -25.38 9.18
N GLY B 195 -2.33 -25.59 10.49
CA GLY B 195 -1.16 -25.49 11.38
C GLY B 195 -0.98 -24.11 12.02
N MET B 196 -1.91 -23.20 11.78
CA MET B 196 -1.85 -21.83 12.32
C MET B 196 -2.59 -21.74 13.65
N ARG B 197 -2.45 -20.60 14.31
CA ARG B 197 -3.18 -20.33 15.56
C ARG B 197 -4.45 -19.54 15.27
N PHE B 198 -5.47 -19.77 16.09
CA PHE B 198 -6.81 -19.20 15.82
C PHE B 198 -7.51 -18.95 17.14
N SER B 199 -8.01 -17.72 17.30
CA SER B 199 -8.96 -17.36 18.36
C SER B 199 -10.36 -17.38 17.75
N ALA B 200 -11.10 -18.44 18.03
CA ALA B 200 -12.42 -18.66 17.43
C ALA B 200 -13.50 -17.87 18.15
N SER B 201 -14.57 -17.57 17.43
CA SER B 201 -15.74 -16.90 18.03
C SER B 201 -17.02 -17.46 17.43
N THR B 202 -18.12 -16.88 17.87
CA THR B 202 -19.47 -17.21 17.39
C THR B 202 -20.17 -15.92 17.00
N TRP B 203 -21.16 -16.03 16.13
CA TRP B 203 -21.92 -14.86 15.66
C TRP B 203 -22.86 -14.40 16.77
N ALA B 204 -22.86 -13.09 17.04
CA ALA B 204 -23.69 -12.51 18.12
C ALA B 204 -24.41 -11.27 17.62
N SER B 205 -25.69 -11.43 17.32
CA SER B 205 -26.60 -10.33 16.92
C SER B 205 -27.95 -10.61 17.57
N ASP B 206 -28.43 -9.79 18.50
CA ASP B 206 -29.76 -10.04 19.09
C ASP B 206 -30.68 -8.83 18.96
N ALA B 207 -30.30 -7.84 18.14
CA ALA B 207 -31.16 -6.66 17.92
C ALA B 207 -30.97 -6.17 16.48
N VAL B 208 -32.00 -5.57 15.93
CA VAL B 208 -31.93 -4.93 14.60
C VAL B 208 -32.56 -3.54 14.69
N LEU B 209 -32.00 -2.60 13.94
CA LEU B 209 -32.51 -1.22 13.77
C LEU B 209 -33.31 -1.19 12.46
N ALA B 210 -34.63 -1.15 12.57
CA ALA B 210 -35.56 -1.25 11.43
C ALA B 210 -36.16 0.13 11.15
N PRO B 211 -36.29 0.53 9.86
CA PRO B 211 -36.75 1.88 9.52
C PRO B 211 -38.12 2.27 10.11
N ASP B 212 -38.99 1.29 10.36
CA ASP B 212 -40.40 1.58 10.73
C ASP B 212 -40.58 1.47 12.26
N ARG B 213 -39.51 1.63 13.05
CA ARG B 213 -39.57 1.35 14.52
C ARG B 213 -38.89 2.45 15.34
N SER B 214 -39.37 2.67 16.57
CA SER B 214 -38.90 3.76 17.48
C SER B 214 -37.89 3.24 18.52
N ARG B 215 -37.74 1.92 18.66
CA ARG B 215 -36.60 1.33 19.40
C ARG B 215 -36.12 0.09 18.65
N PHE B 216 -34.98 -0.42 19.07
CA PHE B 216 -34.41 -1.68 18.53
C PHE B 216 -35.48 -2.75 18.62
N LEU B 217 -35.40 -3.69 17.68
CA LEU B 217 -36.20 -4.93 17.66
C LEU B 217 -35.31 -6.05 18.17
N ARG B 218 -35.74 -6.72 19.23
CA ARG B 218 -35.02 -7.89 19.76
C ARG B 218 -35.29 -9.06 18.81
N THR B 219 -34.24 -9.65 18.25
CA THR B 219 -34.38 -10.64 17.17
C THR B 219 -34.14 -12.08 17.64
N ARG B 220 -33.59 -12.24 18.84
CA ARG B 220 -33.40 -13.56 19.48
C ARG B 220 -33.08 -13.29 20.95
N ASP B 221 -33.09 -14.34 21.75
CA ASP B 221 -32.87 -14.22 23.20
C ASP B 221 -31.36 -14.11 23.46
N ALA B 222 -30.95 -13.20 24.34
CA ALA B 222 -29.52 -13.06 24.71
C ALA B 222 -28.97 -14.42 25.17
N ASP B 223 -29.75 -15.18 25.91
CA ASP B 223 -29.27 -16.48 26.46
C ASP B 223 -28.95 -17.46 25.34
N THR B 224 -29.64 -17.40 24.20
CA THR B 224 -29.37 -18.26 23.02
C THR B 224 -27.98 -17.92 22.48
N VAL B 225 -27.74 -16.63 22.30
CA VAL B 225 -26.46 -16.14 21.76
C VAL B 225 -25.33 -16.56 22.72
N LEU B 226 -25.52 -16.38 24.01
CA LEU B 226 -24.49 -16.70 25.01
C LEU B 226 -24.24 -18.22 25.03
N ALA B 227 -25.30 -19.02 24.94
CA ALA B 227 -25.19 -20.48 24.95
C ALA B 227 -24.38 -20.95 23.74
N SER B 228 -24.53 -20.29 22.59
N SER B 228 -24.55 -20.30 22.59
CA SER B 228 -23.79 -20.64 21.36
CA SER B 228 -23.80 -20.65 21.35
C SER B 228 -22.30 -20.47 21.65
C SER B 228 -22.30 -20.44 21.59
N PHE B 229 -21.92 -19.35 22.26
CA PHE B 229 -20.50 -19.12 22.59
C PHE B 229 -20.02 -20.17 23.60
N GLU B 230 -20.81 -20.44 24.63
CA GLU B 230 -20.42 -21.41 25.67
C GLU B 230 -20.20 -22.80 25.04
N ALA B 231 -20.97 -23.15 24.02
CA ALA B 231 -20.81 -24.45 23.31
C ALA B 231 -19.45 -24.48 22.60
N LEU B 232 -19.07 -23.38 21.95
CA LEU B 232 -17.74 -23.30 21.29
C LEU B 232 -16.64 -23.43 22.35
N LEU B 233 -16.76 -22.69 23.45
CA LEU B 233 -15.74 -22.69 24.52
C LEU B 233 -15.57 -24.13 25.02
N GLY B 234 -16.68 -24.84 25.22
CA GLY B 234 -16.65 -26.25 25.66
C GLY B 234 -15.87 -27.13 24.69
N ALA B 235 -16.10 -26.92 23.38
CA ALA B 235 -15.51 -27.72 22.29
C ALA B 235 -13.99 -27.53 22.24
N VAL B 236 -13.48 -26.34 22.53
CA VAL B 236 -12.01 -26.07 22.35
C VAL B 236 -11.28 -25.97 23.70
N ALA B 237 -12.00 -26.06 24.83
CA ALA B 237 -11.37 -26.15 26.18
C ALA B 237 -10.31 -27.26 26.20
N ALA B 238 -10.62 -28.41 25.60
CA ALA B 238 -9.80 -29.65 25.68
C ALA B 238 -8.64 -29.59 24.69
N ASP B 239 -8.70 -28.69 23.71
CA ASP B 239 -7.78 -28.71 22.53
C ASP B 239 -6.35 -28.83 23.02
N PRO B 240 -5.59 -29.85 22.54
CA PRO B 240 -4.24 -30.12 23.04
C PRO B 240 -3.08 -29.49 22.24
N THR B 241 -3.40 -28.74 21.18
CA THR B 241 -2.40 -28.22 20.20
C THR B 241 -1.71 -26.94 20.71
N GLY B 242 -2.34 -26.19 21.62
CA GLY B 242 -1.90 -24.83 22.01
C GLY B 242 -2.14 -23.81 20.91
N ARG B 243 -2.84 -24.21 19.85
CA ARG B 243 -3.05 -23.33 18.68
C ARG B 243 -4.48 -22.79 18.64
N ILE B 244 -5.38 -23.28 19.49
CA ILE B 244 -6.80 -22.88 19.41
C ILE B 244 -7.22 -22.26 20.74
N ARG B 245 -7.72 -21.03 20.66
CA ARG B 245 -8.37 -20.35 21.79
C ARG B 245 -9.71 -19.84 21.31
N CYS B 246 -10.44 -19.14 22.17
N CYS B 246 -10.46 -19.20 22.21
CA CYS B 246 -11.70 -18.52 21.75
CA CYS B 246 -11.80 -18.60 21.92
C CYS B 246 -11.89 -17.19 22.50
C CYS B 246 -11.90 -17.20 22.51
N ARG B 247 -12.71 -16.36 21.90
CA ARG B 247 -12.99 -15.02 22.43
C ARG B 247 -14.38 -14.66 21.99
N PRO B 248 -15.29 -14.33 22.93
CA PRO B 248 -16.62 -13.93 22.53
C PRO B 248 -16.58 -12.52 21.93
N ASN B 249 -17.47 -12.31 20.99
CA ASN B 249 -17.66 -10.98 20.39
C ASN B 249 -19.14 -10.61 20.37
N VAL B 250 -19.42 -9.32 20.28
CA VAL B 250 -20.71 -8.82 19.81
C VAL B 250 -20.48 -8.28 18.40
N SER B 251 -21.31 -8.66 17.44
CA SER B 251 -21.16 -8.23 16.02
C SER B 251 -20.89 -6.74 15.94
N TYR B 252 -21.80 -5.97 16.51
CA TYR B 252 -21.80 -4.49 16.36
C TYR B 252 -22.74 -3.97 17.43
N VAL B 253 -22.40 -2.87 18.07
CA VAL B 253 -23.23 -2.36 19.19
C VAL B 253 -24.66 -2.01 18.75
N THR B 254 -24.92 -1.76 17.47
CA THR B 254 -26.31 -1.53 17.00
C THR B 254 -27.16 -2.77 17.25
N ASN B 255 -26.54 -3.94 17.19
CA ASN B 255 -27.23 -5.26 17.16
C ASN B 255 -27.08 -5.95 18.52
N MET B 256 -26.99 -5.16 19.58
CA MET B 256 -26.64 -5.64 20.93
C MET B 256 -27.66 -5.13 21.93
N THR B 257 -28.40 -6.02 22.60
CA THR B 257 -29.27 -5.59 23.71
C THR B 257 -28.43 -5.41 24.96
N ASP B 258 -28.99 -4.72 25.95
CA ASP B 258 -28.34 -4.57 27.27
C ASP B 258 -28.18 -5.96 27.90
N GLU B 259 -29.14 -6.86 27.68
CA GLU B 259 -29.06 -8.22 28.24
C GLU B 259 -27.88 -8.98 27.63
N LEU B 260 -27.66 -8.84 26.33
CA LEU B 260 -26.50 -9.49 25.68
C LEU B 260 -25.21 -8.89 26.25
N ALA B 261 -25.13 -7.57 26.38
CA ALA B 261 -23.92 -6.88 26.90
C ALA B 261 -23.61 -7.39 28.31
N ARG B 262 -24.60 -7.39 29.20
CA ARG B 262 -24.39 -7.82 30.60
C ARG B 262 -24.02 -9.30 30.62
N GLY B 263 -24.65 -10.11 29.77
CA GLY B 263 -24.36 -11.54 29.68
C GLY B 263 -22.92 -11.79 29.23
N MET B 264 -22.44 -10.97 28.29
CA MET B 264 -21.06 -11.11 27.79
C MET B 264 -20.10 -10.74 28.92
N ALA B 265 -20.39 -9.69 29.68
CA ALA B 265 -19.50 -9.25 30.79
C ALA B 265 -19.41 -10.39 31.81
N GLU B 266 -20.53 -11.01 32.13
CA GLU B 266 -20.54 -12.11 33.13
C GLU B 266 -19.69 -13.28 32.62
N LEU B 267 -19.85 -13.62 31.33
CA LEU B 267 -19.18 -14.78 30.71
C LEU B 267 -17.66 -14.54 30.70
N VAL B 268 -17.21 -13.35 30.32
CA VAL B 268 -15.77 -12.98 30.19
CA VAL B 268 -15.75 -13.11 30.18
C VAL B 268 -15.10 -13.00 31.57
N GLU B 269 -15.82 -12.53 32.58
CA GLU B 269 -15.30 -12.53 33.98
C GLU B 269 -15.20 -13.99 34.46
N ARG B 270 -16.23 -14.78 34.25
CA ARG B 270 -16.31 -16.16 34.80
C ARG B 270 -15.23 -17.04 34.17
N HIS B 271 -15.03 -16.93 32.87
CA HIS B 271 -14.10 -17.80 32.08
C HIS B 271 -12.73 -17.14 31.90
N ASP B 272 -12.54 -15.90 32.37
CA ASP B 272 -11.27 -15.14 32.26
C ASP B 272 -10.87 -15.07 30.79
N LEU B 273 -11.72 -14.45 29.98
CA LEU B 273 -11.52 -14.34 28.52
C LEU B 273 -11.32 -12.89 28.13
N PRO B 274 -10.75 -12.67 26.93
CA PRO B 274 -10.83 -11.37 26.28
C PRO B 274 -12.24 -11.18 25.72
N PHE B 275 -12.52 -9.98 25.22
CA PHE B 275 -13.84 -9.64 24.64
C PHE B 275 -13.62 -8.74 23.44
N ALA B 276 -14.42 -8.87 22.40
CA ALA B 276 -14.28 -8.00 21.21
C ALA B 276 -15.63 -7.50 20.73
N THR B 277 -15.65 -6.28 20.21
CA THR B 277 -16.82 -5.81 19.46
C THR B 277 -16.41 -4.72 18.50
N HIS B 278 -17.36 -4.28 17.69
CA HIS B 278 -17.21 -3.11 16.80
C HIS B 278 -18.02 -1.97 17.40
N VAL B 279 -17.40 -0.80 17.46
CA VAL B 279 -18.06 0.37 18.09
C VAL B 279 -17.40 1.64 17.54
N GLY B 280 -18.17 2.72 17.45
CA GLY B 280 -17.64 3.99 16.96
C GLY B 280 -17.06 3.84 15.56
N ALA B 281 -17.70 3.05 14.71
CA ALA B 281 -17.12 2.68 13.41
C ALA B 281 -17.48 3.70 12.32
N LEU B 282 -18.60 4.39 12.48
CA LEU B 282 -19.25 5.14 11.38
C LEU B 282 -19.75 6.50 11.88
N ARG B 283 -19.72 7.49 11.00
CA ARG B 283 -20.27 8.82 11.31
C ARG B 283 -21.73 8.71 11.75
N ASN B 284 -22.53 7.89 11.08
CA ASN B 284 -24.00 7.84 11.33
C ASN B 284 -24.35 6.96 12.53
N GLU B 285 -23.38 6.32 13.16
CA GLU B 285 -23.65 5.36 14.25
C GLU B 285 -24.28 6.05 15.47
N ALA B 286 -23.68 7.15 15.94
CA ALA B 286 -24.12 7.77 17.21
C ALA B 286 -25.61 8.13 17.15
N ASP B 287 -26.04 8.78 16.07
CA ASP B 287 -27.46 9.22 15.98
C ASP B 287 -28.38 7.99 15.97
N ALA B 288 -28.01 6.93 15.25
CA ALA B 288 -28.82 5.69 15.20
C ALA B 288 -28.85 5.02 16.58
N MET B 289 -27.73 5.02 17.29
CA MET B 289 -27.67 4.42 18.65
C MET B 289 -28.57 5.21 19.59
N ARG B 290 -28.53 6.55 19.54
N ARG B 290 -28.55 6.54 19.53
CA ARG B 290 -29.40 7.37 20.41
CA ARG B 290 -29.42 7.37 20.42
C ARG B 290 -30.87 7.10 20.06
C ARG B 290 -30.88 7.09 20.05
N ALA B 291 -31.20 7.01 18.77
CA ALA B 291 -32.60 6.84 18.29
C ALA B 291 -33.16 5.49 18.74
N TYR B 292 -32.38 4.42 18.66
CA TYR B 292 -32.89 3.04 18.84
C TYR B 292 -32.55 2.45 20.21
N HIS B 293 -31.48 2.90 20.86
CA HIS B 293 -31.00 2.35 22.16
C HIS B 293 -30.96 3.41 23.26
N GLY B 294 -31.10 4.69 22.92
CA GLY B 294 -31.08 5.78 23.91
C GLY B 294 -29.67 6.17 24.34
N GLU B 295 -28.61 5.61 23.75
CA GLU B 295 -27.24 5.83 24.25
C GLU B 295 -26.28 5.33 23.18
N THR B 296 -25.10 5.95 23.11
CA THR B 296 -24.06 5.61 22.12
C THR B 296 -23.29 4.37 22.56
N GLY B 297 -22.48 3.83 21.65
CA GLY B 297 -21.89 2.50 21.80
C GLY B 297 -20.96 2.37 22.99
N VAL B 298 -19.94 3.21 23.10
CA VAL B 298 -18.96 3.04 24.20
C VAL B 298 -19.67 3.22 25.54
N ARG B 299 -20.57 4.19 25.66
CA ARG B 299 -21.28 4.37 26.94
C ARG B 299 -22.14 3.14 27.25
N ARG B 300 -22.80 2.51 26.27
CA ARG B 300 -23.58 1.28 26.52
C ARG B 300 -22.64 0.16 26.98
N LEU B 301 -21.49 0.00 26.32
CA LEU B 301 -20.52 -1.04 26.73
C LEU B 301 -20.04 -0.74 28.15
N ALA B 302 -19.79 0.52 28.47
CA ALA B 302 -19.25 0.90 29.79
C ALA B 302 -20.28 0.56 30.87
N GLU B 303 -21.56 0.85 30.62
CA GLU B 303 -22.66 0.56 31.58
C GLU B 303 -22.69 -0.94 31.90
N ALA B 304 -22.38 -1.79 30.91
CA ALA B 304 -22.42 -3.26 31.05
C ALA B 304 -21.14 -3.78 31.73
N GLY B 305 -20.12 -2.93 31.92
CA GLY B 305 -18.83 -3.35 32.50
C GLY B 305 -17.86 -3.88 31.45
N LEU B 306 -18.07 -3.58 30.17
CA LEU B 306 -17.25 -4.15 29.07
C LEU B 306 -16.11 -3.21 28.64
N VAL B 307 -16.01 -1.98 29.16
CA VAL B 307 -14.88 -1.09 28.78
C VAL B 307 -13.78 -1.26 29.83
N ASP B 308 -12.92 -2.23 29.59
CA ASP B 308 -11.83 -2.59 30.51
C ASP B 308 -10.69 -3.18 29.66
N GLU B 309 -9.70 -3.77 30.32
CA GLU B 309 -8.46 -4.22 29.67
C GLU B 309 -8.76 -5.41 28.75
N ARG B 310 -9.90 -6.07 28.91
CA ARG B 310 -10.25 -7.26 28.08
C ARG B 310 -10.76 -6.85 26.69
N LEU B 311 -11.19 -5.60 26.54
CA LEU B 311 -11.90 -5.17 25.32
C LEU B 311 -10.94 -4.91 24.17
N MET B 312 -11.19 -5.53 23.04
CA MET B 312 -10.66 -5.10 21.72
C MET B 312 -11.83 -4.50 20.94
N ALA B 313 -11.77 -3.20 20.74
CA ALA B 313 -12.78 -2.44 20.00
C ALA B 313 -12.31 -2.27 18.55
N GLY B 314 -13.09 -2.78 17.61
CA GLY B 314 -12.83 -2.58 16.17
C GLY B 314 -13.22 -1.19 15.74
N HIS B 315 -12.27 -0.50 15.10
CA HIS B 315 -12.44 0.83 14.47
C HIS B 315 -12.39 1.93 15.53
N SER B 316 -13.45 2.09 16.32
CA SER B 316 -13.43 2.88 17.56
C SER B 316 -12.91 4.30 17.32
N ALA B 317 -13.38 4.96 16.27
CA ALA B 317 -12.93 6.31 15.89
C ALA B 317 -13.99 7.37 16.19
N PHE B 318 -15.26 7.03 16.14
CA PHE B 318 -16.37 8.00 16.32
C PHE B 318 -16.78 7.97 17.80
N LEU B 319 -15.88 8.49 18.63
CA LEU B 319 -16.00 8.55 20.10
C LEU B 319 -15.91 10.01 20.51
N ASP B 320 -16.83 10.47 21.35
CA ASP B 320 -16.74 11.84 21.87
C ASP B 320 -15.71 11.84 23.01
N ASP B 321 -15.47 13.01 23.58
CA ASP B 321 -14.40 13.17 24.59
C ASP B 321 -14.65 12.24 25.78
N GLN B 322 -15.90 12.11 26.19
CA GLN B 322 -16.24 11.29 27.37
C GLN B 322 -15.96 9.82 27.07
N GLU B 323 -16.30 9.38 25.86
CA GLU B 323 -16.07 7.98 25.44
C GLU B 323 -14.57 7.71 25.30
N GLN B 324 -13.80 8.68 24.81
CA GLN B 324 -12.33 8.55 24.75
C GLN B 324 -11.78 8.36 26.16
N LYS B 325 -12.27 9.15 27.12
CA LYS B 325 -11.78 9.04 28.51
C LYS B 325 -12.18 7.68 29.11
N LEU B 326 -13.36 7.15 28.77
CA LEU B 326 -13.75 5.80 29.26
C LEU B 326 -12.75 4.75 28.75
N MET B 327 -12.38 4.82 27.48
CA MET B 327 -11.42 3.85 26.90
C MET B 327 -10.07 3.96 27.62
N LEU B 328 -9.59 5.18 27.82
CA LEU B 328 -8.29 5.41 28.50
C LEU B 328 -8.35 4.92 29.94
N ALA B 329 -9.43 5.22 30.65
CA ALA B 329 -9.59 4.83 32.07
C ALA B 329 -9.63 3.31 32.20
N GLY B 330 -10.24 2.63 31.24
CA GLY B 330 -10.37 1.17 31.24
C GLY B 330 -9.13 0.46 30.72
N ARG B 331 -8.19 1.18 30.13
CA ARG B 331 -7.00 0.60 29.47
C ARG B 331 -7.47 -0.40 28.43
N ALA B 332 -8.51 -0.05 27.69
CA ALA B 332 -9.05 -0.86 26.58
C ALA B 332 -8.10 -0.79 25.38
N HIS B 333 -8.47 -1.49 24.33
CA HIS B 333 -7.60 -1.72 23.16
C HIS B 333 -8.40 -1.41 21.91
N ILE B 334 -7.78 -0.76 20.93
CA ILE B 334 -8.42 -0.50 19.62
C ILE B 334 -7.66 -1.27 18.56
N SER B 335 -8.41 -1.99 17.73
CA SER B 335 -7.87 -2.58 16.48
C SER B 335 -8.31 -1.70 15.31
N HIS B 336 -7.35 -1.22 14.56
CA HIS B 336 -7.58 -0.24 13.47
C HIS B 336 -7.22 -0.89 12.13
N SER B 337 -7.97 -0.55 11.08
CA SER B 337 -7.82 -1.21 9.75
C SER B 337 -7.64 -0.18 8.65
N PRO B 338 -6.58 0.65 8.70
CA PRO B 338 -6.44 1.76 7.76
C PRO B 338 -6.12 1.36 6.32
N GLY B 339 -5.77 0.08 6.08
CA GLY B 339 -5.56 -0.39 4.70
C GLY B 339 -6.86 -0.51 3.92
N LYS B 340 -8.01 -0.56 4.59
CA LYS B 340 -9.26 -0.95 3.89
C LYS B 340 -10.39 0.07 4.07
N TYR B 341 -10.18 1.17 4.78
CA TYR B 341 -11.31 2.11 4.99
C TYR B 341 -11.76 2.74 3.67
N GLY B 342 -10.83 3.24 2.86
CA GLY B 342 -11.22 3.95 1.64
C GLY B 342 -12.10 3.12 0.72
N PRO B 343 -11.69 1.88 0.38
CA PRO B 343 -12.51 1.06 -0.52
C PRO B 343 -13.90 0.70 0.03
N SER B 344 -14.07 0.78 1.34
CA SER B 344 -15.38 0.58 2.01
C SER B 344 -16.16 1.89 2.14
N GLY B 345 -15.53 3.04 1.87
CA GLY B 345 -16.15 4.36 2.10
C GLY B 345 -16.20 4.70 3.57
N GLU B 346 -15.45 4.03 4.40
CA GLU B 346 -15.31 4.35 5.83
C GLU B 346 -14.37 5.56 5.97
N SER B 347 -14.49 6.25 7.09
CA SER B 347 -13.74 7.49 7.39
C SER B 347 -13.19 7.41 8.82
N ALA B 348 -12.83 6.20 9.23
CA ALA B 348 -12.44 5.88 10.62
C ALA B 348 -11.00 6.28 10.94
N LEU B 349 -10.28 6.94 10.03
CA LEU B 349 -8.94 7.48 10.37
C LEU B 349 -8.98 9.00 10.48
N THR B 350 -9.33 9.68 9.41
CA THR B 350 -9.06 11.13 9.29
C THR B 350 -10.24 11.99 9.72
N GLU B 351 -11.47 11.51 9.63
CA GLU B 351 -12.63 12.40 9.88
C GLU B 351 -12.60 12.87 11.34
N THR B 352 -12.21 12.02 12.26
CA THR B 352 -12.12 12.38 13.69
C THR B 352 -10.68 12.40 14.21
N GLY B 353 -9.75 11.66 13.60
CA GLY B 353 -8.38 11.54 14.11
C GLY B 353 -8.29 10.90 15.48
N VAL B 354 -9.36 10.29 15.97
CA VAL B 354 -9.40 9.82 17.38
C VAL B 354 -8.45 8.64 17.60
N VAL B 355 -8.30 7.72 16.65
CA VAL B 355 -7.49 6.52 16.97
C VAL B 355 -6.02 6.90 17.11
N PRO B 356 -5.42 7.70 16.18
CA PRO B 356 -4.05 8.15 16.41
C PRO B 356 -3.91 8.97 17.71
N ALA B 357 -4.91 9.77 18.03
CA ALA B 357 -4.90 10.59 19.26
C ALA B 357 -4.91 9.70 20.50
N LEU B 358 -5.74 8.66 20.52
CA LEU B 358 -5.79 7.77 21.69
C LEU B 358 -4.47 7.02 21.82
N ARG B 359 -3.87 6.62 20.70
CA ARG B 359 -2.53 5.99 20.72
C ARG B 359 -1.52 6.96 21.33
N ARG B 360 -1.51 8.21 20.90
CA ARG B 360 -0.56 9.19 21.49
C ARG B 360 -0.84 9.37 22.99
N ALA B 361 -2.09 9.24 23.40
CA ALA B 361 -2.51 9.40 24.82
C ALA B 361 -2.23 8.13 25.64
N GLY B 362 -1.67 7.09 25.02
CA GLY B 362 -1.20 5.90 25.75
C GLY B 362 -2.12 4.69 25.64
N LEU B 363 -3.15 4.74 24.81
CA LEU B 363 -4.00 3.55 24.60
C LEU B 363 -3.25 2.57 23.69
N ASP B 364 -3.41 1.28 23.98
CA ASP B 364 -2.92 0.23 23.06
C ASP B 364 -3.77 0.24 21.78
N VAL B 365 -3.08 0.37 20.65
CA VAL B 365 -3.72 0.35 19.31
C VAL B 365 -2.93 -0.60 18.42
N SER B 366 -3.63 -1.55 17.84
CA SER B 366 -3.05 -2.55 16.91
C SER B 366 -3.65 -2.37 15.52
N LEU B 367 -3.04 -3.07 14.56
CA LEU B 367 -3.44 -3.01 13.14
C LEU B 367 -3.99 -4.35 12.71
N SER B 368 -5.09 -4.32 11.97
CA SER B 368 -5.78 -5.55 11.54
C SER B 368 -6.34 -5.36 10.13
N THR B 369 -6.74 -6.45 9.51
CA THR B 369 -7.16 -6.40 8.11
C THR B 369 -8.66 -6.22 7.95
N ASP B 370 -9.46 -6.55 8.96
CA ASP B 370 -10.92 -6.56 8.79
C ASP B 370 -11.13 -7.63 7.73
N ALA B 371 -12.15 -7.58 6.94
CA ALA B 371 -12.19 -8.59 5.88
C ALA B 371 -13.31 -8.25 4.96
N ALA B 372 -13.30 -8.95 3.85
CA ALA B 372 -14.47 -9.00 2.98
C ALA B 372 -14.42 -10.34 2.27
N ALA B 373 -15.11 -10.38 1.15
CA ALA B 373 -15.54 -11.64 0.54
C ALA B 373 -14.56 -12.08 -0.53
N LEU B 374 -13.67 -11.19 -0.96
CA LEU B 374 -12.54 -11.52 -1.87
C LEU B 374 -11.27 -10.98 -1.23
N PRO B 375 -10.08 -11.48 -1.62
CA PRO B 375 -8.84 -10.98 -1.05
C PRO B 375 -8.71 -9.45 -1.10
N GLY B 376 -8.36 -8.88 0.03
CA GLY B 376 -8.05 -7.46 0.16
C GLY B 376 -6.76 -7.25 0.90
N ALA B 377 -6.56 -6.05 1.40
CA ALA B 377 -5.31 -5.70 2.09
C ALA B 377 -5.03 -6.73 3.18
N GLY B 378 -3.80 -7.24 3.21
CA GLY B 378 -3.32 -8.10 4.29
C GLY B 378 -2.60 -7.27 5.34
N ILE B 379 -1.97 -7.94 6.29
CA ILE B 379 -1.24 -7.24 7.38
C ILE B 379 -0.12 -6.40 6.78
N ALA B 380 0.65 -6.92 5.83
CA ALA B 380 1.76 -6.14 5.26
C ALA B 380 1.22 -4.84 4.66
N GLU B 381 0.12 -4.92 3.93
CA GLU B 381 -0.50 -3.74 3.29
C GLU B 381 -1.00 -2.77 4.38
N THR B 382 -1.50 -3.31 5.46
CA THR B 382 -2.06 -2.49 6.56
C THR B 382 -0.93 -1.77 7.32
N MET B 383 0.22 -2.43 7.49
CA MET B 383 1.40 -1.79 8.11
C MET B 383 1.85 -0.61 7.24
N ARG B 384 1.92 -0.80 5.92
CA ARG B 384 2.31 0.32 5.04
C ARG B 384 1.31 1.47 5.23
N ALA B 385 0.03 1.15 5.23
CA ALA B 385 -1.03 2.18 5.33
C ALA B 385 -0.87 2.99 6.62
N ALA B 386 -0.63 2.33 7.75
CA ALA B 386 -0.50 3.06 9.02
C ALA B 386 0.73 3.98 8.98
N TRP B 387 1.83 3.47 8.47
CA TRP B 387 3.09 4.22 8.35
C TRP B 387 2.88 5.47 7.49
N GLN B 388 2.25 5.32 6.32
CA GLN B 388 1.98 6.48 5.46
C GLN B 388 1.01 7.42 6.18
N MET B 389 -0.12 6.87 6.62
CA MET B 389 -1.32 7.70 6.88
C MET B 389 -1.26 8.35 8.25
N TYR B 390 -0.82 7.64 9.28
CA TYR B 390 -0.71 8.30 10.62
C TYR B 390 0.32 9.42 10.55
N ASN B 391 1.43 9.16 9.86
CA ASN B 391 2.55 10.13 9.80
C ASN B 391 2.15 11.35 8.97
N GLU B 392 1.43 11.18 7.88
CA GLU B 392 1.03 12.32 7.04
C GLU B 392 0.04 13.17 7.86
N MET B 393 -0.84 12.56 8.62
CA MET B 393 -1.88 13.33 9.33
C MET B 393 -1.25 14.27 10.35
N SER B 394 -0.14 13.85 10.96
N SER B 394 -0.12 13.85 10.93
CA SER B 394 0.56 14.60 12.03
CA SER B 394 0.58 14.56 12.03
C SER B 394 1.77 15.38 11.50
C SER B 394 1.78 15.35 11.51
N ALA B 395 2.06 15.31 10.20
CA ALA B 395 3.28 15.94 9.63
C ALA B 395 4.48 15.45 10.45
N ASP B 396 4.57 14.15 10.69
CA ASP B 396 5.55 13.59 11.64
C ASP B 396 5.95 12.19 11.18
N GLN B 397 7.12 12.06 10.57
CA GLN B 397 7.61 10.76 10.08
C GLN B 397 8.01 9.83 11.24
N THR B 398 7.87 10.26 12.48
CA THR B 398 8.25 9.44 13.66
C THR B 398 7.03 8.99 14.46
N GLU B 399 5.83 9.36 14.05
CA GLU B 399 4.65 9.00 14.90
C GLU B 399 4.44 7.48 14.87
N VAL B 400 4.42 6.93 13.67
CA VAL B 400 4.46 5.45 13.44
C VAL B 400 5.76 5.17 12.69
N LEU B 401 6.77 4.73 13.41
CA LEU B 401 8.00 4.23 12.76
C LEU B 401 7.68 2.89 12.12
N PRO B 402 8.42 2.44 11.09
CA PRO B 402 8.17 1.09 10.59
C PRO B 402 8.18 0.04 11.70
N THR B 403 9.07 0.11 12.66
CA THR B 403 9.07 -0.89 13.76
C THR B 403 7.81 -0.75 14.62
N ASP B 404 7.23 0.43 14.72
CA ASP B 404 5.92 0.58 15.38
C ASP B 404 4.85 -0.16 14.57
N ALA B 405 4.81 0.03 13.26
CA ALA B 405 3.80 -0.65 12.44
C ALA B 405 3.93 -2.16 12.64
N LEU B 406 5.17 -2.66 12.70
CA LEU B 406 5.37 -4.10 12.95
C LEU B 406 4.84 -4.49 14.34
N ALA B 407 5.18 -3.73 15.38
CA ALA B 407 4.69 -4.02 16.74
C ALA B 407 3.16 -4.04 16.75
N MET B 408 2.54 -3.13 16.02
CA MET B 408 1.06 -3.00 16.01
C MET B 408 0.43 -4.24 15.35
N ALA B 409 1.16 -4.94 14.49
CA ALA B 409 0.67 -6.12 13.77
C ALA B 409 1.18 -7.43 14.39
N THR B 410 1.89 -7.36 15.51
CA THR B 410 2.49 -8.54 16.17
C THR B 410 2.25 -8.44 17.66
N ARG B 411 3.18 -7.88 18.42
CA ARG B 411 3.14 -7.91 19.89
C ARG B 411 1.90 -7.20 20.41
N ILE B 412 1.63 -6.00 19.91
CA ILE B 412 0.52 -5.20 20.50
C ILE B 412 -0.80 -5.89 20.18
N ALA B 413 -0.96 -6.40 18.97
CA ALA B 413 -2.16 -7.19 18.61
C ALA B 413 -2.27 -8.40 19.54
N ALA B 414 -1.17 -9.10 19.78
CA ALA B 414 -1.20 -10.26 20.70
C ALA B 414 -1.64 -9.81 22.09
N LYS B 415 -1.19 -8.66 22.55
CA LYS B 415 -1.61 -8.19 23.89
C LYS B 415 -3.13 -7.98 23.91
N GLY B 416 -3.68 -7.36 22.86
CA GLY B 416 -5.15 -7.11 22.81
C GLY B 416 -5.92 -8.42 22.78
N LEU B 417 -5.36 -9.44 22.14
CA LEU B 417 -5.99 -10.78 22.03
C LEU B 417 -5.71 -11.64 23.27
N ARG B 418 -4.89 -11.16 24.21
CA ARG B 418 -4.44 -11.89 25.43
C ARG B 418 -3.69 -13.16 25.04
N TRP B 419 -2.92 -13.08 23.97
CA TRP B 419 -2.04 -14.18 23.50
C TRP B 419 -0.57 -13.78 23.55
N ASP B 420 -0.24 -12.63 24.15
CA ASP B 420 1.15 -12.13 24.21
C ASP B 420 1.99 -12.93 25.19
N ASP B 421 1.36 -13.85 25.96
CA ASP B 421 2.06 -14.87 26.78
C ASP B 421 2.95 -15.72 25.86
N ALA B 422 2.45 -16.05 24.68
CA ALA B 422 3.05 -17.09 23.83
C ALA B 422 3.47 -16.57 22.47
N VAL B 423 2.83 -15.51 21.95
CA VAL B 423 3.11 -15.08 20.55
C VAL B 423 3.30 -13.57 20.49
N GLY B 424 3.65 -13.11 19.31
CA GLY B 424 3.71 -11.68 18.97
C GLY B 424 5.12 -11.11 18.98
N SER B 425 6.12 -11.83 19.49
CA SER B 425 7.49 -11.30 19.51
C SER B 425 8.49 -12.45 19.53
N LEU B 426 9.67 -12.19 18.99
CA LEU B 426 10.77 -13.16 18.99
C LEU B 426 11.61 -12.92 20.24
N GLU B 427 11.31 -13.68 21.27
CA GLU B 427 11.98 -13.61 22.58
C GLU B 427 12.10 -15.04 23.08
N PRO B 428 13.15 -15.35 23.85
CA PRO B 428 13.27 -16.69 24.42
C PRO B 428 12.01 -17.03 25.23
N GLY B 429 11.56 -18.26 25.02
CA GLY B 429 10.44 -18.85 25.77
C GLY B 429 9.11 -18.63 25.07
N LYS B 430 9.05 -17.78 24.05
CA LYS B 430 7.82 -17.58 23.24
C LYS B 430 7.79 -18.63 22.12
N GLN B 431 6.64 -18.79 21.50
CA GLN B 431 6.47 -19.72 20.37
C GLN B 431 7.33 -19.27 19.18
N ALA B 432 7.90 -20.25 18.50
CA ALA B 432 8.72 -20.07 17.30
C ALA B 432 7.79 -19.83 16.10
N ASP B 433 7.22 -18.63 16.06
CA ASP B 433 6.33 -18.19 14.97
C ASP B 433 7.06 -17.07 14.26
N LEU B 434 7.54 -17.35 13.05
N LEU B 434 7.48 -17.30 13.03
CA LEU B 434 8.46 -16.45 12.32
CA LEU B 434 8.29 -16.27 12.37
C LEU B 434 8.07 -16.35 10.86
C LEU B 434 8.12 -16.36 10.86
N LEU B 435 8.42 -15.23 10.24
CA LEU B 435 8.35 -15.05 8.79
C LEU B 435 9.75 -14.81 8.26
N LEU B 436 9.99 -15.25 7.03
CA LEU B 436 11.17 -14.83 6.26
C LEU B 436 10.69 -14.15 4.99
N VAL B 437 11.32 -13.03 4.67
CA VAL B 437 11.08 -12.25 3.44
C VAL B 437 12.41 -12.13 2.73
N ARG B 438 12.45 -12.40 1.43
CA ARG B 438 13.71 -12.22 0.67
C ARG B 438 14.01 -10.74 0.53
N THR B 439 15.27 -10.37 0.69
CA THR B 439 15.72 -8.97 0.62
C THR B 439 16.82 -8.78 -0.42
N ASP B 440 16.93 -9.68 -1.39
CA ASP B 440 18.06 -9.64 -2.35
C ASP B 440 17.74 -8.83 -3.60
N ASP B 441 16.55 -8.27 -3.76
CA ASP B 441 16.20 -7.60 -5.02
C ASP B 441 16.36 -6.07 -4.89
N TRP B 442 16.14 -5.39 -5.99
CA TRP B 442 16.36 -3.93 -6.15
C TRP B 442 15.65 -3.15 -5.05
N ARG B 443 14.53 -3.61 -4.53
CA ARG B 443 13.74 -2.80 -3.57
C ARG B 443 14.56 -2.52 -2.32
N TYR B 444 15.43 -3.47 -1.96
CA TYR B 444 16.10 -3.51 -0.65
C TYR B 444 17.54 -2.99 -0.75
N LEU B 445 18.05 -2.78 -1.95
CA LEU B 445 19.49 -2.54 -2.16
C LEU B 445 19.95 -1.29 -1.38
N LEU B 446 20.98 -1.47 -0.56
CA LEU B 446 21.71 -0.46 0.25
C LEU B 446 20.89 -0.03 1.46
N ASN B 447 19.69 -0.54 1.70
CA ASN B 447 18.89 -0.06 2.84
C ASN B 447 19.27 -0.86 4.09
N PRO B 448 19.82 -0.23 5.15
CA PRO B 448 20.08 -0.95 6.40
C PRO B 448 18.77 -1.25 7.16
N ARG B 449 17.65 -0.78 6.62
CA ARG B 449 16.30 -0.97 7.22
C ARG B 449 15.42 -1.73 6.23
N PRO B 450 15.61 -3.05 6.08
CA PRO B 450 14.80 -3.78 5.10
C PRO B 450 13.31 -3.70 5.41
N LEU B 451 12.91 -3.56 6.66
CA LEU B 451 11.46 -3.43 6.96
C LEU B 451 10.90 -2.18 6.28
N GLU B 452 11.68 -1.10 6.22
CA GLU B 452 11.24 0.13 5.53
C GLU B 452 11.05 -0.14 4.04
N SER B 453 12.01 -0.80 3.39
CA SER B 453 11.84 -1.17 1.97
C SER B 453 10.61 -2.05 1.79
N PHE B 454 10.38 -2.97 2.72
CA PHE B 454 9.21 -3.88 2.67
C PHE B 454 7.94 -3.05 2.71
N LEU B 455 7.88 -2.04 3.57
CA LEU B 455 6.68 -1.17 3.63
C LEU B 455 6.58 -0.29 2.39
N TRP B 456 7.69 0.12 1.79
CA TRP B 456 7.59 0.96 0.58
C TRP B 456 7.03 0.16 -0.59
N LEU B 457 7.51 -1.08 -0.78
CA LEU B 457 7.46 -1.71 -2.11
C LEU B 457 7.12 -3.20 -2.07
N ALA B 458 6.78 -3.76 -0.91
CA ALA B 458 6.47 -5.20 -0.83
C ALA B 458 5.13 -5.39 -0.16
N GLY B 459 4.72 -6.64 -0.02
CA GLY B 459 3.44 -6.94 0.58
C GLY B 459 3.29 -8.40 0.87
N SER B 460 2.04 -8.78 1.06
CA SER B 460 1.66 -10.15 1.48
C SER B 460 2.35 -11.21 0.62
N ALA B 461 2.35 -11.06 -0.69
CA ALA B 461 2.88 -12.10 -1.60
C ALA B 461 4.40 -12.21 -1.45
N ASP B 462 5.06 -11.22 -0.87
CA ASP B 462 6.52 -11.28 -0.66
C ASP B 462 6.87 -12.03 0.62
N VAL B 463 5.90 -12.45 1.40
CA VAL B 463 6.22 -13.40 2.48
C VAL B 463 6.71 -14.69 1.83
N ASP B 464 7.91 -15.12 2.18
CA ASP B 464 8.54 -16.30 1.56
C ASP B 464 8.29 -17.54 2.43
N THR B 465 8.63 -17.44 3.70
CA THR B 465 8.56 -18.58 4.64
C THR B 465 7.72 -18.19 5.83
N VAL B 466 6.87 -19.11 6.24
CA VAL B 466 6.00 -18.94 7.44
C VAL B 466 6.22 -20.18 8.30
N ILE B 467 6.65 -19.96 9.53
CA ILE B 467 6.92 -21.02 10.54
C ILE B 467 5.99 -20.78 11.73
N VAL B 468 5.31 -21.82 12.16
CA VAL B 468 4.42 -21.75 13.35
C VAL B 468 4.83 -22.87 14.29
N GLY B 469 5.20 -22.52 15.52
CA GLY B 469 5.63 -23.52 16.51
C GLY B 469 6.79 -24.34 15.98
N GLY B 470 7.69 -23.71 15.23
CA GLY B 470 8.89 -24.36 14.69
C GLY B 470 8.66 -25.12 13.40
N ARG B 471 7.41 -25.25 12.95
CA ARG B 471 7.05 -26.03 11.74
C ARG B 471 6.92 -25.10 10.54
N THR B 472 7.62 -25.40 9.45
CA THR B 472 7.50 -24.64 8.21
C THR B 472 6.17 -24.98 7.52
N LEU B 473 5.32 -23.98 7.34
CA LEU B 473 4.02 -24.14 6.65
C LEU B 473 4.06 -23.55 5.25
N VAL B 474 4.90 -22.53 5.04
CA VAL B 474 5.05 -21.86 3.72
C VAL B 474 6.54 -21.71 3.49
N GLU B 475 6.99 -22.00 2.28
CA GLU B 475 8.43 -21.86 1.91
C GLU B 475 8.48 -21.48 0.44
N GLY B 476 9.29 -20.48 0.10
CA GLY B 476 9.34 -19.99 -1.28
C GLY B 476 7.99 -19.48 -1.75
N GLY B 477 7.16 -19.01 -0.82
CA GLY B 477 5.83 -18.49 -1.16
C GLY B 477 4.83 -19.57 -1.47
N ARG B 478 5.12 -20.83 -1.14
CA ARG B 478 4.23 -21.97 -1.46
C ARG B 478 3.95 -22.78 -0.19
N GLY B 479 2.72 -23.29 -0.09
CA GLY B 479 2.37 -24.21 1.00
C GLY B 479 3.26 -25.44 0.98
N VAL B 480 3.73 -25.86 2.14
CA VAL B 480 4.54 -27.08 2.34
C VAL B 480 3.62 -28.29 2.42
N GLU B 481 2.58 -28.21 3.25
CA GLU B 481 1.56 -29.28 3.38
C GLU B 481 0.28 -28.90 2.64
N VAL B 482 0.00 -27.62 2.49
CA VAL B 482 -1.22 -27.17 1.78
C VAL B 482 -1.11 -27.57 0.30
N ASP B 483 -2.20 -28.15 -0.22
N ASP B 483 -2.15 -28.22 -0.23
CA ASP B 483 -2.41 -28.44 -1.66
CA ASP B 483 -2.36 -28.40 -1.69
C ASP B 483 -3.17 -27.25 -2.24
C ASP B 483 -3.15 -27.18 -2.15
N GLU B 484 -2.45 -26.23 -2.72
CA GLU B 484 -3.05 -24.90 -3.00
C GLU B 484 -4.18 -25.03 -4.02
N ALA B 485 -3.94 -25.72 -5.13
CA ALA B 485 -4.94 -25.83 -6.19
C ALA B 485 -6.15 -26.60 -5.66
N ALA B 486 -5.91 -27.67 -4.90
CA ALA B 486 -7.01 -28.48 -4.32
C ALA B 486 -7.82 -27.65 -3.32
N LEU B 487 -7.18 -26.86 -2.44
CA LEU B 487 -7.94 -26.02 -1.49
C LEU B 487 -8.81 -25.04 -2.28
N ARG B 488 -8.22 -24.41 -3.29
CA ARG B 488 -8.98 -23.46 -4.11
C ARG B 488 -10.19 -24.15 -4.74
N ASP B 489 -9.96 -25.30 -5.38
CA ASP B 489 -11.06 -25.94 -6.14
C ASP B 489 -12.17 -26.41 -5.19
N ARG B 490 -11.84 -26.86 -3.98
CA ARG B 490 -12.87 -27.26 -2.98
C ARG B 490 -13.64 -26.02 -2.54
N TYR B 491 -12.95 -24.89 -2.35
CA TYR B 491 -13.62 -23.61 -1.97
C TYR B 491 -14.58 -23.20 -3.08
N LEU B 492 -14.15 -23.28 -4.34
CA LEU B 492 -15.01 -22.83 -5.47
C LEU B 492 -16.25 -23.72 -5.59
N GLN B 493 -16.10 -25.03 -5.39
CA GLN B 493 -17.24 -25.97 -5.44
C GLN B 493 -18.20 -25.64 -4.30
N ALA B 494 -17.68 -25.39 -3.10
CA ALA B 494 -18.50 -25.05 -1.92
C ALA B 494 -19.22 -23.73 -2.16
N LEU B 495 -18.49 -22.75 -2.69
CA LEU B 495 -19.08 -21.42 -3.00
C LEU B 495 -20.21 -21.58 -4.02
N ARG B 496 -20.05 -22.46 -5.00
CA ARG B 496 -21.09 -22.70 -6.04
C ARG B 496 -22.37 -23.17 -5.35
N GLY B 497 -22.27 -24.17 -4.47
CA GLY B 497 -23.45 -24.71 -3.76
C GLY B 497 -24.11 -23.65 -2.90
N PHE B 498 -23.34 -22.96 -2.06
CA PHE B 498 -23.89 -21.96 -1.10
C PHE B 498 -24.53 -20.80 -1.86
N THR B 499 -23.87 -20.34 -2.93
CA THR B 499 -24.31 -19.16 -3.73
C THR B 499 -25.62 -19.49 -4.42
N THR B 500 -25.72 -20.66 -5.05
CA THR B 500 -26.93 -21.05 -5.82
C THR B 500 -28.08 -21.37 -4.86
N ARG B 501 -27.80 -22.07 -3.76
CA ARG B 501 -28.86 -22.61 -2.87
C ARG B 501 -29.27 -21.57 -1.83
N ALA B 502 -28.33 -21.05 -1.03
CA ALA B 502 -28.61 -20.16 0.12
C ALA B 502 -28.78 -18.70 -0.34
N LEU B 503 -27.98 -18.24 -1.29
CA LEU B 503 -28.03 -16.82 -1.76
C LEU B 503 -28.95 -16.69 -2.98
N ARG B 504 -29.39 -17.81 -3.57
CA ARG B 504 -30.41 -17.85 -4.65
C ARG B 504 -29.91 -17.11 -5.90
N VAL B 505 -28.61 -17.11 -6.15
CA VAL B 505 -28.05 -16.58 -7.43
C VAL B 505 -28.21 -17.68 -8.48
N PRO B 506 -28.80 -17.40 -9.66
CA PRO B 506 -28.94 -18.40 -10.72
C PRO B 506 -27.62 -19.07 -11.11
N ALA B 507 -27.65 -20.39 -11.30
CA ALA B 507 -26.52 -21.23 -11.76
C ALA B 507 -25.93 -20.66 -13.05
N GLU B 508 -26.80 -20.08 -13.90
CA GLU B 508 -26.44 -19.56 -15.25
C GLU B 508 -25.39 -18.45 -15.10
N ALA B 509 -25.46 -17.70 -14.00
CA ALA B 509 -24.54 -16.58 -13.67
C ALA B 509 -23.26 -17.09 -12.99
N VAL B 510 -23.34 -18.19 -12.24
CA VAL B 510 -22.23 -18.69 -11.38
C VAL B 510 -21.29 -19.60 -12.19
N ASP B 511 -21.82 -20.60 -12.92
CA ASP B 511 -21.01 -21.75 -13.41
C ASP B 511 -19.98 -21.31 -14.46
N PRO B 512 -20.34 -20.46 -15.45
CA PRO B 512 -19.36 -20.02 -16.47
C PRO B 512 -18.21 -19.19 -15.86
N VAL B 513 -18.48 -18.40 -14.81
CA VAL B 513 -17.43 -17.64 -14.07
C VAL B 513 -16.48 -18.64 -13.42
N LEU B 514 -17.00 -19.68 -12.77
CA LEU B 514 -16.13 -20.71 -12.17
C LEU B 514 -15.34 -21.41 -13.28
N ALA B 515 -15.93 -21.64 -14.46
CA ALA B 515 -15.27 -22.32 -15.59
C ALA B 515 -14.08 -21.48 -16.11
N GLU B 516 -14.18 -20.15 -16.03
CA GLU B 516 -13.16 -19.21 -16.54
C GLU B 516 -12.04 -18.97 -15.50
N VAL B 517 -12.20 -19.43 -14.26
CA VAL B 517 -11.11 -19.33 -13.25
C VAL B 517 -9.83 -19.86 -13.91
N ALA B 518 -8.72 -19.13 -13.75
CA ALA B 518 -7.39 -19.51 -14.28
C ALA B 518 -6.82 -20.63 -13.40
N ARG B 519 -6.99 -21.89 -13.81
CA ARG B 519 -6.39 -23.05 -13.13
C ARG B 519 -5.19 -23.54 -13.95
C1' 3HB C . 9.82 18.35 -3.70
O1' 3HB C . 8.97 17.46 -4.04
O2' 3HB C . 10.94 18.54 -4.27
C1 3HB C . 9.46 19.27 -2.58
C2 3HB C . 8.69 18.83 -1.51
C3 3HB C . 8.37 19.70 -0.48
C4 3HB C . 8.78 21.02 -0.54
C5 3HB C . 9.54 21.46 -1.60
C6 3HB C . 9.90 20.60 -2.61
O3 3HB C . 7.60 19.32 0.57
C1 PEG D . 19.26 15.99 -0.36
O1 PEG D . 19.03 16.72 0.81
C2 PEG D . 19.89 16.80 -1.44
O2 PEG D . 21.02 17.51 -0.95
C3 PEG D . 21.77 18.16 -1.98
C4 PEG D . 22.32 19.46 -1.49
O4 PEG D . 23.39 19.29 -0.56
C1 EDO E . -17.84 15.04 -7.47
O1 EDO E . -18.33 15.52 -6.23
C2 EDO E . -16.57 15.69 -7.88
O2 EDO E . -16.35 15.71 -9.28
ZN ZN F . 9.16 16.87 -5.98
ZN ZN G . -18.12 14.80 3.28
C1' 3HB H . -16.88 -4.45 10.80
O1' 3HB H . -17.45 -5.55 10.90
O2' 3HB H . -15.61 -4.31 10.72
C1 3HB H . -17.72 -3.22 10.84
C2 3HB H . -17.36 -2.07 10.15
C3 3HB H . -18.17 -0.94 10.21
C4 3HB H . -19.32 -0.95 11.00
C5 3HB H . -19.66 -2.11 11.68
C6 3HB H . -18.87 -3.23 11.62
O3 3HB H . -17.84 0.21 9.57
C1 GOL I . -8.63 -10.36 2.87
O1 GOL I . -8.53 -8.94 2.97
C2 GOL I . -7.52 -10.97 2.03
O2 GOL I . -7.77 -12.34 1.79
C3 GOL I . -6.12 -10.80 2.58
O3 GOL I . -5.19 -10.87 1.52
C1 EDO J . -32.77 9.99 20.45
O1 EDO J . -33.01 10.72 21.62
C2 EDO J . -32.61 10.84 19.26
O2 EDO J . -33.24 10.33 18.10
C1 EDO K . -28.37 -29.24 1.76
O1 EDO K . -28.83 -28.17 2.56
C2 EDO K . -27.54 -28.80 0.61
O2 EDO K . -26.83 -29.87 0.02
ZN ZN L . -14.58 -5.89 11.46
ZN ZN M . 14.44 -10.33 27.19
MG MG N . 9.87 -28.29 -0.19
#